data_3VPJ
#
_entry.id   3VPJ
#
_cell.length_a   97.000
_cell.length_b   97.000
_cell.length_c   292.171
_cell.angle_alpha   90.00
_cell.angle_beta   90.00
_cell.angle_gamma   120.00
#
_symmetry.space_group_name_H-M   'P 32 2 1'
#
loop_
_entity.id
_entity.type
_entity.pdbx_description
1 polymer 'type VI secretion exported 1'
2 polymer 'Tse1-specific immunity protein'
3 water water
#
loop_
_entity_poly.entity_id
_entity_poly.type
_entity_poly.pdbx_seq_one_letter_code
_entity_poly.pdbx_strand_id
1 'polypeptide(L)'
;MGSSHHHHHHSSGLVPRGSHMDSLDQCIVNACKNSWDKSYLAGTPNKDNCSGFVQSVAAELGVPMPRGNANAMVDGLEQS
WTKLASGAEAAQKAAQGFLVIAGLKGRTYGHVAVVISGPLYRQKYPMCWCGSIAGAVGQSQGLKSVGQVWNRTDRDRLNY
YVYSLASCSLPRAS
;
A,B,C,D
2 'polypeptide(L)'
;MGSSHHHHHHSSGLVPRGSHMKLLAGSFAALFLSLSAQAADCTFTQLEIVPQFGSPNMFGGEDEHVRVMFSNEDPNDDNP
DAFPEPPVYLADRDSGNDCRIEDGGIWSRGGVFLSQDGRRVLMHEFSGSSAELVSYDSATCKVVHREDISGQRWAVDKDG
LRLGQKCSGESVDSCAKIVKRSLAPFCQTAKK
;
E,F,G,H
#
# COMPACT_ATOMS: atom_id res chain seq x y z
N SER A 23 -18.54 -15.28 35.33
CA SER A 23 -17.42 -15.23 34.38
C SER A 23 -16.21 -16.06 34.85
N LEU A 24 -15.48 -16.61 33.89
CA LEU A 24 -14.30 -17.43 34.18
C LEU A 24 -13.03 -16.63 34.46
N ASP A 25 -12.89 -15.46 33.82
CA ASP A 25 -11.70 -14.63 34.01
C ASP A 25 -11.90 -13.60 35.14
N GLN A 26 -13.03 -13.69 35.82
CA GLN A 26 -13.45 -12.74 36.85
C GLN A 26 -12.45 -12.58 37.99
N CYS A 27 -11.90 -13.69 38.47
CA CYS A 27 -10.91 -13.69 39.54
C CYS A 27 -9.79 -12.68 39.25
N ILE A 28 -9.28 -12.73 38.01
CA ILE A 28 -8.18 -11.87 37.56
C ILE A 28 -8.60 -10.40 37.49
N VAL A 29 -9.80 -10.15 36.98
CA VAL A 29 -10.33 -8.80 36.93
C VAL A 29 -10.37 -8.21 38.34
N ASN A 30 -10.87 -8.99 39.29
CA ASN A 30 -10.90 -8.56 40.68
C ASN A 30 -9.49 -8.31 41.22
N ALA A 31 -8.58 -9.25 41.00
CA ALA A 31 -7.19 -9.05 41.41
C ALA A 31 -6.67 -7.69 40.94
N CYS A 32 -6.89 -7.37 39.66
CA CYS A 32 -6.46 -6.11 39.08
C CYS A 32 -7.10 -4.90 39.77
N LYS A 33 -8.43 -4.93 39.87
CA LYS A 33 -9.17 -3.86 40.53
C LYS A 33 -8.57 -3.56 41.91
N ASN A 34 -8.43 -4.60 42.73
CA ASN A 34 -7.91 -4.43 44.08
C ASN A 34 -6.49 -3.89 44.08
N SER A 35 -5.63 -4.52 43.29
CA SER A 35 -4.22 -4.14 43.25
C SER A 35 -4.02 -2.72 42.76
N TRP A 36 -5.04 -2.14 42.15
CA TRP A 36 -4.92 -0.78 41.61
C TRP A 36 -4.42 0.26 42.62
N ASP A 37 -5.01 0.27 43.81
CA ASP A 37 -4.71 1.31 44.78
C ASP A 37 -3.64 0.89 45.80
N LYS A 38 -3.20 -0.36 45.73
CA LYS A 38 -2.15 -0.81 46.63
C LYS A 38 -0.83 -0.19 46.23
N SER A 39 0.20 -0.44 47.03
CA SER A 39 1.57 -0.13 46.64
C SER A 39 2.43 -1.32 46.98
N TYR A 40 2.92 -2.02 45.95
CA TYR A 40 3.70 -3.24 46.18
C TYR A 40 5.07 -2.88 46.72
N LEU A 41 5.66 -1.83 46.16
CA LEU A 41 6.82 -1.22 46.75
C LEU A 41 6.35 0.00 47.54
N ALA A 42 6.81 0.10 48.78
CA ALA A 42 6.35 1.12 49.71
C ALA A 42 6.57 2.55 49.20
N GLY A 43 5.52 3.38 49.31
CA GLY A 43 5.62 4.78 48.95
C GLY A 43 5.45 5.07 47.47
N THR A 44 5.58 4.02 46.64
CA THR A 44 5.31 4.13 45.20
C THR A 44 3.95 3.51 44.88
N PRO A 45 2.96 4.35 44.56
CA PRO A 45 1.63 3.83 44.23
C PRO A 45 1.71 2.86 43.05
N ASN A 46 0.94 1.79 43.07
CA ASN A 46 0.93 0.83 41.96
C ASN A 46 0.59 1.49 40.63
N LYS A 47 -0.41 2.37 40.64
CA LYS A 47 -0.83 3.04 39.41
C LYS A 47 0.32 3.78 38.73
N ASP A 48 1.36 4.09 39.49
CA ASP A 48 2.54 4.74 38.93
C ASP A 48 3.70 3.78 38.66
N ASN A 49 3.52 2.51 38.99
CA ASN A 49 4.59 1.53 38.82
C ASN A 49 4.08 0.21 38.22
N CYS A 50 4.50 -0.10 37.01
CA CYS A 50 3.92 -1.27 36.31
C CYS A 50 4.27 -2.58 37.01
N SER A 51 5.56 -2.77 37.28
CA SER A 51 6.05 -3.96 37.98
C SER A 51 5.34 -4.16 39.31
N GLY A 52 5.11 -3.07 40.03
CA GLY A 52 4.43 -3.14 41.32
C GLY A 52 3.00 -3.62 41.20
N PHE A 53 2.29 -3.08 40.23
CA PHE A 53 0.90 -3.46 39.98
C PHE A 53 0.81 -4.93 39.57
N VAL A 54 1.75 -5.38 38.73
CA VAL A 54 1.79 -6.77 38.34
C VAL A 54 2.06 -7.67 39.55
N GLN A 55 3.09 -7.33 40.32
CA GLN A 55 3.46 -8.07 41.53
C GLN A 55 2.27 -8.20 42.48
N SER A 56 1.51 -7.12 42.66
CA SER A 56 0.32 -7.17 43.49
C SER A 56 -0.70 -8.13 42.93
N VAL A 57 -0.94 -8.05 41.61
CA VAL A 57 -1.91 -8.97 41.01
C VAL A 57 -1.50 -10.44 41.21
N ALA A 58 -0.21 -10.72 41.02
CA ALA A 58 0.33 -12.06 41.19
C ALA A 58 0.23 -12.50 42.65
N ALA A 59 0.40 -11.55 43.56
CA ALA A 59 0.27 -11.80 44.98
C ALA A 59 -1.15 -12.25 45.30
N GLU A 60 -2.13 -11.40 44.98
CA GLU A 60 -3.52 -11.74 45.29
C GLU A 60 -3.92 -13.11 44.72
N LEU A 61 -3.47 -13.41 43.50
CA LEU A 61 -3.85 -14.65 42.82
C LEU A 61 -2.98 -15.81 43.24
N GLY A 62 -1.97 -15.52 44.05
CA GLY A 62 -1.02 -16.52 44.51
C GLY A 62 -0.31 -17.17 43.35
N VAL A 63 0.13 -16.35 42.41
CA VAL A 63 0.91 -16.84 41.28
C VAL A 63 2.36 -16.44 41.48
N PRO A 64 3.26 -17.42 41.44
CA PRO A 64 4.69 -17.09 41.57
C PRO A 64 5.03 -16.03 40.54
N MET A 65 5.80 -15.02 40.93
CA MET A 65 6.19 -13.98 39.98
C MET A 65 7.66 -13.65 40.21
N PRO A 66 8.40 -13.46 39.10
CA PRO A 66 9.81 -13.06 39.22
C PRO A 66 9.97 -11.71 39.93
N ARG A 67 11.17 -11.44 40.43
CA ARG A 67 11.39 -10.29 41.30
C ARG A 67 12.15 -9.18 40.59
N GLY A 68 11.95 -7.95 41.05
CA GLY A 68 12.65 -6.81 40.51
C GLY A 68 11.82 -5.90 39.63
N ASN A 69 12.49 -4.99 38.94
CA ASN A 69 11.83 -4.03 38.07
C ASN A 69 11.33 -4.71 36.79
N ALA A 70 10.76 -3.90 35.89
CA ALA A 70 10.10 -4.44 34.70
C ALA A 70 11.00 -5.34 33.87
N ASN A 71 12.16 -4.82 33.46
CA ASN A 71 13.12 -5.61 32.68
C ASN A 71 13.43 -6.98 33.30
N ALA A 72 13.71 -6.95 34.60
CA ALA A 72 14.02 -8.17 35.32
C ALA A 72 12.83 -9.14 35.27
N MET A 73 11.63 -8.62 35.51
CA MET A 73 10.43 -9.44 35.46
C MET A 73 10.24 -10.10 34.08
N VAL A 74 10.56 -9.36 33.02
CA VAL A 74 10.51 -9.91 31.66
C VAL A 74 11.54 -11.03 31.46
N ASP A 75 12.76 -10.84 31.96
CA ASP A 75 13.73 -11.94 31.92
C ASP A 75 13.22 -13.19 32.67
N GLY A 76 12.61 -12.95 33.83
CA GLY A 76 12.02 -14.01 34.64
C GLY A 76 10.97 -14.79 33.88
N LEU A 77 9.99 -14.08 33.33
CA LEU A 77 8.92 -14.71 32.55
C LEU A 77 9.47 -15.44 31.32
N GLU A 78 10.46 -14.83 30.67
CA GLU A 78 11.10 -15.44 29.51
C GLU A 78 11.61 -16.82 29.87
N GLN A 79 12.36 -16.90 30.98
CA GLN A 79 12.89 -18.20 31.43
C GLN A 79 11.84 -19.20 31.94
N SER A 80 11.05 -18.77 32.92
CA SER A 80 10.17 -19.67 33.66
C SER A 80 8.69 -19.76 33.21
N TRP A 81 8.31 -19.00 32.18
CA TRP A 81 6.90 -18.99 31.75
C TRP A 81 6.68 -19.39 30.30
N THR A 82 5.46 -19.82 29.98
CA THR A 82 5.15 -20.22 28.62
C THR A 82 4.93 -19.01 27.71
N LYS A 83 5.63 -18.97 26.58
CA LYS A 83 5.44 -17.89 25.61
C LYS A 83 4.29 -18.21 24.65
N LEU A 84 3.27 -17.36 24.63
CA LEU A 84 2.17 -17.44 23.66
C LEU A 84 2.52 -16.80 22.31
N ALA A 85 1.84 -17.24 21.25
CA ALA A 85 2.11 -16.79 19.89
C ALA A 85 1.64 -15.37 19.53
N SER A 86 0.51 -14.94 20.10
CA SER A 86 -0.05 -13.65 19.71
C SER A 86 -0.94 -13.04 20.78
N GLY A 87 -1.16 -11.74 20.67
CA GLY A 87 -2.10 -11.07 21.56
C GLY A 87 -3.44 -11.77 21.60
N ALA A 88 -3.90 -12.29 20.46
CA ALA A 88 -5.19 -12.96 20.36
C ALA A 88 -5.22 -14.24 21.19
N GLU A 89 -4.18 -15.04 21.04
CA GLU A 89 -4.00 -16.26 21.80
C GLU A 89 -3.88 -15.92 23.29
N ALA A 90 -3.16 -14.83 23.59
CA ALA A 90 -3.01 -14.34 24.95
C ALA A 90 -4.37 -14.02 25.56
N ALA A 91 -5.26 -13.41 24.78
CA ALA A 91 -6.60 -13.13 25.26
C ALA A 91 -7.41 -14.40 25.41
N GLN A 92 -7.08 -15.42 24.63
CA GLN A 92 -7.74 -16.72 24.83
C GLN A 92 -7.37 -17.27 26.20
N LYS A 93 -6.07 -17.40 26.46
CA LYS A 93 -5.61 -17.85 27.77
C LYS A 93 -6.24 -17.01 28.89
N ALA A 94 -6.11 -15.70 28.80
CA ALA A 94 -6.68 -14.78 29.78
C ALA A 94 -8.20 -14.95 29.95
N ALA A 95 -8.88 -15.40 28.90
CA ALA A 95 -10.32 -15.59 28.99
C ALA A 95 -10.62 -16.88 29.72
N GLN A 96 -9.66 -17.79 29.72
CA GLN A 96 -9.84 -19.07 30.40
C GLN A 96 -9.57 -18.97 31.91
N GLY A 97 -9.31 -17.76 32.40
CA GLY A 97 -9.01 -17.57 33.81
C GLY A 97 -7.55 -17.79 34.15
N PHE A 98 -6.70 -17.86 33.13
CA PHE A 98 -5.25 -17.88 33.30
C PHE A 98 -4.70 -16.47 33.53
N LEU A 99 -3.55 -16.39 34.17
CA LEU A 99 -2.85 -15.12 34.28
C LEU A 99 -1.91 -14.99 33.09
N VAL A 100 -2.08 -13.90 32.35
CA VAL A 100 -1.30 -13.65 31.16
C VAL A 100 -0.65 -12.28 31.29
N ILE A 101 0.67 -12.23 31.15
CA ILE A 101 1.40 -10.98 31.24
C ILE A 101 2.00 -10.62 29.89
N ALA A 102 1.69 -9.42 29.41
CA ALA A 102 2.34 -8.92 28.22
C ALA A 102 3.54 -8.11 28.69
N GLY A 103 4.69 -8.31 28.07
CA GLY A 103 5.84 -7.52 28.47
C GLY A 103 6.83 -7.27 27.36
N LEU A 104 7.54 -6.17 27.53
CA LEU A 104 8.59 -5.75 26.63
C LEU A 104 9.59 -4.93 27.45
N LYS A 105 10.86 -5.13 27.18
CA LYS A 105 11.94 -4.44 27.86
C LYS A 105 12.29 -3.13 27.16
N GLY A 106 12.67 -2.14 27.95
CA GLY A 106 13.25 -0.92 27.43
C GLY A 106 14.74 -0.85 27.73
N ARG A 107 15.41 0.17 27.21
CA ARG A 107 16.82 0.39 27.52
C ARG A 107 16.99 0.45 29.03
N THR A 108 16.05 1.11 29.70
CA THR A 108 16.09 1.22 31.15
C THR A 108 14.78 0.79 31.80
N TYR A 109 13.70 1.52 31.50
CA TYR A 109 12.39 1.21 32.04
C TYR A 109 11.61 0.34 31.08
N GLY A 110 11.41 -0.92 31.46
CA GLY A 110 10.58 -1.81 30.67
C GLY A 110 9.12 -1.61 31.04
N HIS A 111 8.25 -2.49 30.54
CA HIS A 111 6.84 -2.40 30.88
C HIS A 111 6.18 -3.78 30.81
N VAL A 112 5.20 -3.98 31.68
CA VAL A 112 4.48 -5.23 31.77
C VAL A 112 3.04 -4.91 32.09
N ALA A 113 2.12 -5.77 31.68
CA ALA A 113 0.72 -5.48 31.84
C ALA A 113 -0.02 -6.79 31.96
N VAL A 114 -1.19 -6.75 32.59
CA VAL A 114 -2.01 -7.94 32.74
C VAL A 114 -3.05 -8.02 31.61
N VAL A 115 -2.91 -9.02 30.74
CA VAL A 115 -3.87 -9.22 29.66
C VAL A 115 -5.18 -9.78 30.21
N ILE A 116 -6.29 -9.15 29.83
CA ILE A 116 -7.61 -9.63 30.22
C ILE A 116 -8.43 -9.97 28.97
N SER A 117 -9.45 -10.81 29.14
CA SER A 117 -10.34 -11.16 28.05
C SER A 117 -11.08 -9.93 27.54
N GLY A 118 -11.47 -9.97 26.27
CA GLY A 118 -12.32 -8.94 25.70
C GLY A 118 -12.00 -8.72 24.24
N PRO A 119 -12.70 -7.78 23.58
CA PRO A 119 -12.51 -7.45 22.17
C PRO A 119 -11.12 -6.91 21.86
N LEU A 120 -10.49 -7.45 20.82
CA LEU A 120 -9.16 -7.00 20.41
C LEU A 120 -9.25 -5.67 19.68
N TYR A 121 -8.25 -4.82 19.89
CA TYR A 121 -8.20 -3.49 19.31
C TYR A 121 -7.44 -3.54 17.99
N ARG A 122 -8.02 -2.93 16.96
CA ARG A 122 -7.56 -3.12 15.58
C ARG A 122 -7.47 -4.61 15.24
N GLN A 123 -8.37 -5.39 15.83
CA GLN A 123 -8.47 -6.84 15.64
C GLN A 123 -7.18 -7.58 15.98
N LYS A 124 -6.31 -6.95 16.75
CA LYS A 124 -4.97 -7.45 17.03
C LYS A 124 -4.59 -7.42 18.55
N TYR A 125 -4.63 -6.23 19.14
CA TYR A 125 -4.15 -5.98 20.51
C TYR A 125 -5.20 -6.20 21.59
N PRO A 126 -4.92 -7.08 22.57
CA PRO A 126 -5.87 -7.48 23.61
C PRO A 126 -5.98 -6.45 24.73
N MET A 127 -7.12 -6.42 25.43
CA MET A 127 -7.34 -5.49 26.54
C MET A 127 -6.42 -5.78 27.73
N CYS A 128 -5.86 -4.73 28.35
CA CYS A 128 -4.96 -4.93 29.49
C CYS A 128 -5.24 -4.04 30.71
N TRP A 129 -4.60 -4.42 31.81
CA TRP A 129 -4.48 -3.59 33.02
C TRP A 129 -3.00 -3.37 33.26
N CYS A 130 -2.60 -2.12 33.44
CA CYS A 130 -1.22 -1.82 33.78
C CYS A 130 -1.13 -0.48 34.52
N GLY A 131 -0.12 -0.35 35.37
CA GLY A 131 0.23 0.94 35.92
C GLY A 131 1.36 1.48 35.07
N SER A 132 1.60 2.78 35.10
CA SER A 132 2.74 3.30 34.36
C SER A 132 3.31 4.57 34.96
N ILE A 133 4.64 4.65 34.94
CA ILE A 133 5.35 5.80 35.46
C ILE A 133 5.39 6.91 34.40
N ALA A 134 4.90 6.59 33.21
CA ALA A 134 4.86 7.57 32.14
C ALA A 134 3.78 8.59 32.40
N GLY A 135 2.74 8.18 33.11
CA GLY A 135 1.69 9.11 33.50
C GLY A 135 0.33 8.43 33.50
N ALA A 136 -0.73 9.22 33.68
CA ALA A 136 -2.07 8.66 33.54
C ALA A 136 -2.27 8.07 32.14
N VAL A 137 -1.63 8.66 31.13
CA VAL A 137 -1.79 8.18 29.74
C VAL A 137 -1.36 6.73 29.54
N GLY A 138 -0.33 6.29 30.26
CA GLY A 138 0.18 4.94 30.13
C GLY A 138 -0.59 3.95 31.00
N GLN A 139 -1.57 4.45 31.74
CA GLN A 139 -2.25 3.62 32.72
C GLN A 139 -3.51 2.97 32.13
N SER A 140 -3.78 1.72 32.50
CA SER A 140 -4.99 1.08 31.99
C SER A 140 -5.79 0.34 33.04
N GLN A 141 -7.01 0.82 33.24
CA GLN A 141 -7.95 0.21 34.15
C GLN A 141 -8.84 -0.82 33.47
N GLY A 142 -8.42 -1.23 32.27
CA GLY A 142 -9.10 -2.25 31.48
C GLY A 142 -9.76 -1.67 30.25
N LEU A 143 -9.72 -0.36 30.13
CA LEU A 143 -10.34 0.37 29.02
C LEU A 143 -9.37 0.59 27.85
N LYS A 144 -8.10 0.26 28.06
CA LYS A 144 -7.11 0.31 27.00
C LYS A 144 -6.52 -1.08 26.75
N SER A 145 -6.06 -1.30 25.53
CA SER A 145 -5.38 -2.54 25.21
C SER A 145 -3.89 -2.25 25.17
N VAL A 146 -3.07 -3.29 25.07
CA VAL A 146 -1.63 -3.11 24.95
C VAL A 146 -1.29 -2.21 23.76
N GLY A 147 -2.19 -2.15 22.78
CA GLY A 147 -1.97 -1.34 21.59
C GLY A 147 -2.19 0.14 21.79
N GLN A 148 -2.88 0.51 22.87
CA GLN A 148 -3.06 1.91 23.22
C GLN A 148 -2.10 2.39 24.33
N VAL A 149 -1.28 1.46 24.82
CA VAL A 149 -0.33 1.70 25.90
C VAL A 149 1.08 1.74 25.33
N TRP A 150 1.48 0.68 24.64
CA TRP A 150 2.70 0.70 23.84
C TRP A 150 2.42 1.33 22.46
N ASN A 151 3.41 2.03 21.92
CA ASN A 151 3.22 2.73 20.65
C ASN A 151 3.22 1.81 19.43
N ARG A 152 3.17 2.44 18.25
CA ARG A 152 2.90 1.74 17.01
C ARG A 152 3.96 0.67 16.74
N THR A 153 5.22 1.00 17.01
CA THR A 153 6.31 0.05 16.81
C THR A 153 6.44 -1.02 17.93
N ASP A 154 6.41 -0.61 19.20
CA ASP A 154 6.50 -1.56 20.31
C ASP A 154 5.35 -2.55 20.41
N ARG A 155 4.13 -2.14 20.08
CA ARG A 155 3.00 -3.05 20.23
C ARG A 155 3.12 -4.28 19.33
N ASP A 156 3.90 -4.16 18.27
CA ASP A 156 4.16 -5.34 17.43
C ASP A 156 5.32 -6.21 17.96
N ARG A 157 6.14 -5.68 18.85
CA ARG A 157 7.24 -6.44 19.43
C ARG A 157 6.90 -7.10 20.77
N LEU A 158 5.66 -7.00 21.23
CA LEU A 158 5.31 -7.50 22.56
C LEU A 158 5.54 -9.00 22.73
N ASN A 159 5.86 -9.42 23.96
CA ASN A 159 5.86 -10.84 24.28
C ASN A 159 4.75 -11.16 25.26
N TYR A 160 4.12 -12.31 25.10
CA TYR A 160 3.04 -12.69 25.98
C TYR A 160 3.40 -13.97 26.74
N TYR A 161 3.33 -13.91 28.07
CA TYR A 161 3.67 -15.03 28.90
C TYR A 161 2.45 -15.50 29.68
N VAL A 162 2.27 -16.81 29.74
CA VAL A 162 1.19 -17.38 30.53
C VAL A 162 1.78 -18.35 31.55
N TYR A 163 1.12 -18.40 32.69
CA TYR A 163 1.41 -19.34 33.75
C TYR A 163 0.73 -20.66 33.44
N SER A 164 1.42 -21.75 33.75
CA SER A 164 0.97 -23.08 33.34
C SER A 164 -0.33 -23.54 34.01
N LEU A 165 -0.82 -22.80 35.01
CA LEU A 165 -2.03 -23.22 35.74
C LEU A 165 -3.07 -22.11 35.94
N ALA A 166 -4.33 -22.45 35.69
CA ALA A 166 -5.42 -21.48 35.71
C ALA A 166 -5.61 -20.89 37.10
N SER A 167 -6.12 -19.66 37.15
CA SER A 167 -6.45 -19.01 38.40
C SER A 167 -7.93 -19.17 38.78
N CYS A 168 -8.68 -19.98 38.02
CA CYS A 168 -10.10 -20.18 38.32
C CYS A 168 -10.60 -21.58 37.95
N LEU B 24 -13.49 -25.37 30.22
CA LEU B 24 -13.15 -25.90 28.91
C LEU B 24 -14.40 -26.06 28.05
N ASP B 25 -14.19 -26.23 26.75
CA ASP B 25 -15.28 -26.37 25.78
C ASP B 25 -15.58 -27.84 25.48
N GLN B 26 -14.93 -28.74 26.21
CA GLN B 26 -14.92 -30.17 25.87
C GLN B 26 -16.31 -30.76 25.60
N CYS B 27 -17.32 -30.27 26.32
CA CYS B 27 -18.69 -30.74 26.13
C CYS B 27 -19.17 -30.48 24.70
N ILE B 28 -18.92 -29.27 24.21
CA ILE B 28 -19.26 -28.87 22.85
C ILE B 28 -18.52 -29.71 21.80
N VAL B 29 -17.20 -29.87 21.98
CA VAL B 29 -16.39 -30.68 21.08
C VAL B 29 -16.92 -32.11 20.99
N ASN B 30 -17.31 -32.66 22.14
CA ASN B 30 -17.90 -33.99 22.19
C ASN B 30 -19.23 -34.05 21.45
N ALA B 31 -20.08 -33.03 21.68
CA ALA B 31 -21.37 -32.92 20.98
C ALA B 31 -21.20 -32.84 19.46
N CYS B 32 -20.17 -32.14 19.02
CA CYS B 32 -19.81 -32.10 17.61
C CYS B 32 -19.46 -33.50 17.13
N LYS B 33 -18.51 -34.16 17.80
CA LYS B 33 -18.11 -35.51 17.42
C LYS B 33 -19.32 -36.43 17.28
N ASN B 34 -20.32 -36.24 18.14
CA ASN B 34 -21.54 -37.05 18.11
C ASN B 34 -22.58 -36.60 17.08
N SER B 35 -22.47 -35.36 16.63
CA SER B 35 -23.46 -34.85 15.68
C SER B 35 -22.99 -35.01 14.25
N TRP B 36 -21.80 -35.57 14.07
CA TRP B 36 -21.20 -35.68 12.74
C TRP B 36 -21.87 -36.69 11.80
N ASP B 37 -22.19 -37.87 12.31
CA ASP B 37 -22.75 -38.91 11.46
C ASP B 37 -24.27 -38.98 11.50
N LYS B 38 -24.90 -38.12 12.31
CA LYS B 38 -26.36 -38.07 12.38
C LYS B 38 -26.91 -37.30 11.18
N SER B 39 -28.24 -37.24 11.08
CA SER B 39 -28.88 -36.39 10.08
C SER B 39 -30.05 -35.66 10.71
N TYR B 40 -29.94 -34.34 10.85
CA TYR B 40 -31.02 -33.57 11.45
C TYR B 40 -32.16 -33.46 10.45
N LEU B 41 -31.79 -33.29 9.18
CA LEU B 41 -32.68 -33.56 8.06
C LEU B 41 -32.46 -35.01 7.69
N ALA B 42 -33.47 -35.84 7.89
CA ALA B 42 -33.32 -37.27 7.70
C ALA B 42 -32.99 -37.63 6.25
N GLY B 43 -32.13 -38.64 6.09
CA GLY B 43 -31.73 -39.12 4.79
C GLY B 43 -30.51 -38.41 4.23
N THR B 44 -30.27 -37.20 4.71
CA THR B 44 -29.11 -36.42 4.29
C THR B 44 -28.14 -36.21 5.45
N PRO B 45 -26.97 -36.88 5.39
CA PRO B 45 -25.90 -36.88 6.39
C PRO B 45 -25.47 -35.47 6.79
N ASN B 46 -25.08 -35.30 8.04
CA ASN B 46 -24.69 -33.98 8.53
C ASN B 46 -23.34 -33.54 8.01
N LYS B 47 -22.47 -34.51 7.74
CA LYS B 47 -21.18 -34.20 7.13
C LYS B 47 -21.40 -33.43 5.84
N ASP B 48 -22.54 -33.67 5.21
CA ASP B 48 -22.93 -33.00 3.97
C ASP B 48 -23.93 -31.85 4.11
N ASN B 49 -24.41 -31.59 5.32
CA ASN B 49 -25.29 -30.43 5.53
C ASN B 49 -24.89 -29.61 6.76
N CYS B 50 -24.47 -28.37 6.54
CA CYS B 50 -23.96 -27.54 7.63
C CYS B 50 -25.05 -27.21 8.65
N SER B 51 -26.24 -26.88 8.16
CA SER B 51 -27.40 -26.61 9.01
C SER B 51 -27.75 -27.84 9.84
N GLY B 52 -27.82 -28.99 9.19
CA GLY B 52 -28.18 -30.22 9.85
C GLY B 52 -27.14 -30.71 10.84
N PHE B 53 -25.94 -30.15 10.76
CA PHE B 53 -24.88 -30.45 11.71
C PHE B 53 -25.02 -29.54 12.93
N VAL B 54 -24.96 -28.24 12.68
CA VAL B 54 -25.17 -27.28 13.73
C VAL B 54 -26.41 -27.64 14.56
N GLN B 55 -27.48 -28.09 13.89
CA GLN B 55 -28.74 -28.40 14.57
C GLN B 55 -28.63 -29.57 15.54
N SER B 56 -27.96 -30.62 15.10
CA SER B 56 -27.74 -31.79 15.94
C SER B 56 -26.88 -31.44 17.15
N VAL B 57 -25.80 -30.68 16.89
CA VAL B 57 -24.93 -30.22 17.98
C VAL B 57 -25.69 -29.36 19.00
N ALA B 58 -26.55 -28.48 18.50
CA ALA B 58 -27.37 -27.63 19.36
C ALA B 58 -28.40 -28.44 20.14
N ALA B 59 -28.80 -29.57 19.57
CA ALA B 59 -29.71 -30.49 20.24
C ALA B 59 -29.00 -31.15 21.43
N GLU B 60 -27.81 -31.68 21.15
CA GLU B 60 -27.01 -32.36 22.16
C GLU B 60 -26.74 -31.48 23.39
N LEU B 61 -26.53 -30.19 23.18
CA LEU B 61 -26.27 -29.25 24.27
C LEU B 61 -27.56 -28.61 24.74
N GLY B 62 -28.68 -29.06 24.18
CA GLY B 62 -29.99 -28.59 24.58
C GLY B 62 -30.17 -27.09 24.41
N VAL B 63 -29.39 -26.53 23.49
CA VAL B 63 -29.48 -25.11 23.19
C VAL B 63 -30.61 -24.85 22.21
N PRO B 64 -31.40 -23.79 22.45
CA PRO B 64 -32.43 -23.42 21.48
C PRO B 64 -31.82 -22.92 20.18
N MET B 65 -32.24 -23.45 19.04
CA MET B 65 -31.69 -23.03 17.76
C MET B 65 -32.79 -22.64 16.79
N PRO B 66 -32.59 -21.54 16.03
CA PRO B 66 -33.55 -21.19 14.97
C PRO B 66 -33.65 -22.29 13.92
N ARG B 67 -34.88 -22.63 13.52
CA ARG B 67 -35.12 -23.70 12.56
C ARG B 67 -34.85 -23.28 11.10
N GLY B 68 -34.70 -24.27 10.22
CA GLY B 68 -34.56 -24.03 8.80
C GLY B 68 -33.14 -24.21 8.29
N ASN B 69 -32.92 -23.77 7.05
CA ASN B 69 -31.59 -23.87 6.43
C ASN B 69 -30.67 -22.74 6.87
N ALA B 70 -29.48 -22.71 6.28
CA ALA B 70 -28.42 -21.84 6.74
C ALA B 70 -28.81 -20.35 6.78
N ASN B 71 -29.27 -19.82 5.67
CA ASN B 71 -29.65 -18.42 5.65
C ASN B 71 -30.74 -18.12 6.69
N ALA B 72 -31.65 -19.08 6.87
CA ALA B 72 -32.70 -18.98 7.88
C ALA B 72 -32.09 -18.88 9.28
N MET B 73 -31.31 -19.88 9.64
CA MET B 73 -30.65 -19.92 10.94
C MET B 73 -29.90 -18.63 11.19
N VAL B 74 -29.27 -18.09 10.15
CA VAL B 74 -28.48 -16.88 10.31
C VAL B 74 -29.35 -15.63 10.48
N ASP B 75 -30.56 -15.67 9.93
CA ASP B 75 -31.53 -14.62 10.20
C ASP B 75 -31.97 -14.68 11.67
N GLY B 76 -32.36 -15.89 12.10
CA GLY B 76 -32.74 -16.12 13.48
C GLY B 76 -31.68 -15.70 14.47
N LEU B 77 -30.44 -16.04 14.18
CA LEU B 77 -29.32 -15.67 15.03
C LEU B 77 -29.05 -14.17 14.99
N GLU B 78 -29.13 -13.57 13.81
CA GLU B 78 -28.96 -12.12 13.75
C GLU B 78 -30.06 -11.47 14.59
N GLN B 79 -31.12 -12.23 14.84
CA GLN B 79 -32.19 -11.76 15.72
C GLN B 79 -31.85 -11.90 17.21
N SER B 80 -31.81 -13.14 17.69
CA SER B 80 -31.82 -13.43 19.13
C SER B 80 -30.49 -13.59 19.89
N TRP B 81 -29.37 -13.63 19.18
CA TRP B 81 -28.11 -13.98 19.84
C TRP B 81 -27.11 -12.84 19.86
N THR B 82 -26.16 -12.91 20.80
CA THR B 82 -25.19 -11.84 20.93
C THR B 82 -24.15 -11.92 19.81
N LYS B 83 -23.60 -10.79 19.39
CA LYS B 83 -22.73 -10.73 18.21
C LYS B 83 -21.33 -10.24 18.58
N LEU B 84 -20.34 -11.14 18.48
CA LEU B 84 -18.97 -10.81 18.85
C LEU B 84 -18.23 -10.01 17.77
N ALA B 85 -17.16 -9.31 18.17
CA ALA B 85 -16.49 -8.36 17.27
C ALA B 85 -15.45 -8.99 16.35
N SER B 86 -14.97 -10.17 16.69
CA SER B 86 -13.99 -10.85 15.86
C SER B 86 -13.99 -12.34 16.19
N GLY B 87 -13.40 -13.13 15.31
CA GLY B 87 -13.26 -14.54 15.58
C GLY B 87 -12.39 -14.77 16.81
N ALA B 88 -11.51 -13.81 17.10
CA ALA B 88 -10.65 -13.90 18.28
C ALA B 88 -11.52 -13.89 19.54
N GLU B 89 -12.44 -12.93 19.56
CA GLU B 89 -13.43 -12.80 20.62
C GLU B 89 -14.33 -14.04 20.70
N ALA B 90 -14.74 -14.52 19.53
CA ALA B 90 -15.55 -15.72 19.41
C ALA B 90 -14.85 -16.93 20.04
N ALA B 91 -13.54 -16.98 19.87
CA ALA B 91 -12.73 -18.07 20.42
C ALA B 91 -12.53 -17.90 21.92
N GLN B 92 -12.45 -16.65 22.40
CA GLN B 92 -12.41 -16.41 23.83
C GLN B 92 -13.66 -16.99 24.46
N LYS B 93 -14.81 -16.57 23.94
CA LYS B 93 -16.09 -17.07 24.45
C LYS B 93 -16.27 -18.59 24.29
N ALA B 94 -15.75 -19.16 23.21
CA ALA B 94 -15.85 -20.61 23.04
C ALA B 94 -14.95 -21.33 24.05
N ALA B 95 -13.84 -20.69 24.41
CA ALA B 95 -12.94 -21.21 25.41
C ALA B 95 -13.62 -21.25 26.77
N GLN B 96 -14.65 -20.42 26.94
CA GLN B 96 -15.37 -20.36 28.21
C GLN B 96 -16.57 -21.30 28.26
N GLY B 97 -16.74 -22.11 27.22
CA GLY B 97 -17.78 -23.13 27.22
C GLY B 97 -19.09 -22.70 26.58
N PHE B 98 -19.14 -21.47 26.08
CA PHE B 98 -20.31 -21.00 25.34
C PHE B 98 -20.29 -21.59 23.92
N LEU B 99 -21.47 -21.94 23.42
CA LEU B 99 -21.59 -22.34 22.02
C LEU B 99 -21.56 -21.10 21.14
N VAL B 100 -20.60 -21.06 20.22
CA VAL B 100 -20.50 -19.96 19.28
C VAL B 100 -20.70 -20.45 17.85
N ILE B 101 -21.57 -19.78 17.11
CA ILE B 101 -21.81 -20.10 15.71
C ILE B 101 -21.29 -19.02 14.78
N ALA B 102 -20.40 -19.40 13.88
CA ALA B 102 -19.98 -18.51 12.80
C ALA B 102 -20.98 -18.70 11.66
N GLY B 103 -21.40 -17.61 11.03
CA GLY B 103 -22.31 -17.72 9.93
C GLY B 103 -22.24 -16.59 8.92
N LEU B 104 -22.56 -16.92 7.67
CA LEU B 104 -22.56 -15.95 6.60
C LEU B 104 -23.64 -16.36 5.65
N LYS B 105 -24.45 -15.38 5.25
CA LYS B 105 -25.51 -15.67 4.30
C LYS B 105 -24.91 -15.78 2.90
N GLY B 106 -25.63 -16.46 2.02
CA GLY B 106 -25.29 -16.51 0.60
C GLY B 106 -26.58 -16.54 -0.17
N ARG B 107 -26.53 -16.23 -1.46
CA ARG B 107 -27.76 -16.12 -2.26
C ARG B 107 -28.54 -17.42 -2.22
N THR B 108 -27.89 -18.51 -2.62
CA THR B 108 -28.53 -19.80 -2.68
C THR B 108 -28.26 -20.64 -1.42
N TYR B 109 -26.99 -20.93 -1.15
CA TYR B 109 -26.62 -21.71 0.03
C TYR B 109 -25.81 -20.95 1.07
N GLY B 110 -26.40 -20.76 2.25
CA GLY B 110 -25.70 -20.15 3.36
C GLY B 110 -24.82 -21.16 4.06
N HIS B 111 -24.02 -20.68 5.01
CA HIS B 111 -23.13 -21.56 5.77
C HIS B 111 -23.04 -21.20 7.25
N VAL B 112 -23.16 -22.22 8.09
CA VAL B 112 -22.96 -22.07 9.53
C VAL B 112 -21.97 -23.12 10.08
N ALA B 113 -21.17 -22.69 11.07
CA ALA B 113 -20.12 -23.53 11.64
C ALA B 113 -20.00 -23.34 13.15
N VAL B 114 -19.52 -24.37 13.82
CA VAL B 114 -19.33 -24.32 15.26
C VAL B 114 -17.92 -23.89 15.61
N VAL B 115 -17.80 -22.78 16.33
CA VAL B 115 -16.51 -22.26 16.75
C VAL B 115 -16.06 -22.90 18.05
N ILE B 116 -14.87 -23.51 18.04
CA ILE B 116 -14.31 -24.12 19.22
C ILE B 116 -13.02 -23.41 19.56
N SER B 117 -12.57 -23.53 20.81
CA SER B 117 -11.30 -22.94 21.19
C SER B 117 -10.21 -23.72 20.49
N GLY B 118 -9.11 -23.03 20.20
CA GLY B 118 -7.97 -23.65 19.57
C GLY B 118 -7.09 -22.53 19.07
N PRO B 119 -5.89 -22.88 18.60
CA PRO B 119 -4.99 -21.85 18.05
C PRO B 119 -5.70 -21.11 16.93
N LEU B 120 -5.59 -19.79 16.90
CA LEU B 120 -6.16 -19.05 15.79
C LEU B 120 -5.28 -19.23 14.54
N TYR B 121 -5.90 -19.70 13.47
CA TYR B 121 -5.24 -19.78 12.18
C TYR B 121 -4.98 -18.36 11.67
N ARG B 122 -3.73 -18.11 11.28
CA ARG B 122 -3.26 -16.75 10.96
C ARG B 122 -3.47 -15.77 12.12
N GLN B 123 -3.52 -16.33 13.34
CA GLN B 123 -3.70 -15.59 14.57
C GLN B 123 -4.99 -14.78 14.53
N LYS B 124 -5.94 -15.24 13.72
CA LYS B 124 -7.21 -14.54 13.55
C LYS B 124 -8.42 -15.49 13.65
N TYR B 125 -8.47 -16.45 12.74
CA TYR B 125 -9.68 -17.25 12.55
C TYR B 125 -9.72 -18.45 13.45
N PRO B 126 -10.77 -18.55 14.25
CA PRO B 126 -10.90 -19.65 15.20
C PRO B 126 -11.10 -20.97 14.50
N MET B 127 -10.62 -22.04 15.11
CA MET B 127 -10.88 -23.38 14.61
C MET B 127 -12.38 -23.60 14.69
N CYS B 128 -12.89 -24.52 13.90
CA CYS B 128 -14.33 -24.72 13.81
C CYS B 128 -14.68 -26.14 13.39
N TRP B 129 -15.94 -26.50 13.58
CA TRP B 129 -16.51 -27.74 13.08
C TRP B 129 -17.64 -27.42 12.11
N CYS B 130 -17.61 -27.98 10.91
CA CYS B 130 -18.76 -27.83 10.02
C CYS B 130 -18.93 -28.94 9.00
N GLY B 131 -20.18 -29.29 8.72
CA GLY B 131 -20.51 -30.07 7.55
C GLY B 131 -20.61 -29.13 6.38
N SER B 132 -20.28 -29.60 5.18
CA SER B 132 -20.38 -28.77 3.99
C SER B 132 -20.87 -29.53 2.75
N ILE B 133 -21.86 -28.97 2.08
CA ILE B 133 -22.42 -29.56 0.87
C ILE B 133 -21.46 -29.41 -0.30
N ALA B 134 -20.51 -28.48 -0.17
CA ALA B 134 -19.49 -28.28 -1.18
C ALA B 134 -18.57 -29.49 -1.25
N GLY B 135 -18.73 -30.41 -0.31
CA GLY B 135 -17.88 -31.59 -0.27
C GLY B 135 -16.85 -31.60 0.85
N ALA B 136 -15.92 -32.55 0.77
CA ALA B 136 -14.96 -32.79 1.83
C ALA B 136 -14.01 -31.62 2.03
N VAL B 137 -13.66 -30.94 0.94
CA VAL B 137 -12.77 -29.78 1.05
C VAL B 137 -13.39 -28.67 1.91
N GLY B 138 -14.70 -28.73 2.13
CA GLY B 138 -15.38 -27.74 2.92
C GLY B 138 -15.75 -28.22 4.31
N GLN B 139 -15.41 -29.48 4.61
CA GLN B 139 -15.75 -30.06 5.90
C GLN B 139 -14.67 -29.78 6.92
N SER B 140 -15.07 -29.53 8.15
CA SER B 140 -14.10 -29.44 9.24
C SER B 140 -14.45 -30.46 10.31
N GLN B 141 -13.53 -31.38 10.54
CA GLN B 141 -13.70 -32.44 11.52
C GLN B 141 -13.17 -31.88 12.84
N GLY B 142 -12.90 -30.57 12.82
CA GLY B 142 -12.33 -29.85 13.94
C GLY B 142 -10.93 -29.44 13.59
N LEU B 143 -10.38 -30.05 12.55
CA LEU B 143 -9.02 -29.75 12.11
C LEU B 143 -8.88 -28.45 11.31
N LYS B 144 -9.99 -27.80 10.98
CA LYS B 144 -9.93 -26.61 10.14
C LYS B 144 -10.54 -25.36 10.79
N SER B 145 -9.93 -24.20 10.54
CA SER B 145 -10.49 -22.96 11.07
C SER B 145 -11.51 -22.39 10.10
N VAL B 146 -12.22 -21.35 10.52
CA VAL B 146 -13.24 -20.76 9.66
C VAL B 146 -12.55 -20.10 8.48
N GLY B 147 -11.23 -19.92 8.61
CA GLY B 147 -10.47 -19.23 7.57
C GLY B 147 -10.02 -20.19 6.49
N GLN B 148 -10.11 -21.48 6.76
CA GLN B 148 -9.83 -22.50 5.77
C GLN B 148 -11.12 -23.06 5.15
N VAL B 149 -12.25 -22.59 5.64
CA VAL B 149 -13.56 -23.05 5.18
C VAL B 149 -14.12 -21.99 4.22
N TRP B 150 -14.34 -20.79 4.72
CA TRP B 150 -14.67 -19.62 3.89
C TRP B 150 -13.43 -19.05 3.25
N ASN B 151 -13.55 -18.49 2.05
CA ASN B 151 -12.40 -17.94 1.33
C ASN B 151 -11.86 -16.63 1.92
N ARG B 152 -10.80 -16.09 1.32
CA ARG B 152 -10.10 -14.93 1.87
C ARG B 152 -10.99 -13.69 2.08
N THR B 153 -11.97 -13.47 1.21
CA THR B 153 -12.87 -12.35 1.41
C THR B 153 -13.96 -12.66 2.45
N ASP B 154 -14.62 -13.80 2.30
CA ASP B 154 -15.73 -14.16 3.17
C ASP B 154 -15.35 -14.29 4.64
N ARG B 155 -14.10 -14.65 4.90
CA ARG B 155 -13.70 -14.90 6.28
C ARG B 155 -13.63 -13.63 7.13
N ASP B 156 -13.51 -12.47 6.47
CA ASP B 156 -13.53 -11.18 7.18
C ASP B 156 -14.94 -10.59 7.23
N ARG B 157 -15.89 -11.21 6.55
CA ARG B 157 -17.29 -10.81 6.60
C ARG B 157 -18.18 -11.66 7.54
N LEU B 158 -17.57 -12.61 8.25
CA LEU B 158 -18.34 -13.56 9.05
C LEU B 158 -19.11 -12.91 10.20
N ASN B 159 -20.22 -13.53 10.59
CA ASN B 159 -20.93 -13.11 11.79
C ASN B 159 -20.76 -14.12 12.91
N TYR B 160 -20.35 -13.64 14.09
CA TYR B 160 -20.18 -14.53 15.22
C TYR B 160 -21.28 -14.37 16.26
N TYR B 161 -22.06 -15.44 16.43
CA TYR B 161 -23.22 -15.45 17.31
C TYR B 161 -22.98 -16.33 18.53
N VAL B 162 -23.14 -15.76 19.72
CA VAL B 162 -22.98 -16.51 20.94
C VAL B 162 -24.28 -16.52 21.74
N TYR B 163 -24.57 -17.68 22.33
CA TYR B 163 -25.75 -17.88 23.16
C TYR B 163 -25.50 -17.34 24.56
N SER B 164 -26.55 -16.86 25.21
CA SER B 164 -26.41 -16.10 26.46
C SER B 164 -25.95 -16.93 27.66
N LEU B 165 -26.29 -18.21 27.69
CA LEU B 165 -25.92 -19.05 28.83
C LEU B 165 -24.94 -20.16 28.44
N ALA B 166 -23.77 -20.17 29.08
CA ALA B 166 -22.74 -21.18 28.80
C ALA B 166 -23.24 -22.60 29.06
N SER B 167 -22.73 -23.56 28.29
CA SER B 167 -23.18 -24.95 28.40
C SER B 167 -22.30 -25.83 29.27
N CYS B 168 -21.25 -25.27 29.84
CA CYS B 168 -20.30 -26.07 30.61
C CYS B 168 -20.22 -25.68 32.07
N ASP C 41 12.16 33.80 22.43
CA ASP C 41 11.11 33.14 21.65
C ASP C 41 11.35 31.64 21.55
N CYS C 42 12.25 31.14 22.39
CA CYS C 42 12.51 29.71 22.57
C CYS C 42 11.57 29.21 23.67
N THR C 43 10.66 30.07 24.06
CA THR C 43 9.62 29.73 25.02
C THR C 43 8.60 28.78 24.39
N PHE C 44 8.10 27.84 25.19
CA PHE C 44 7.07 26.94 24.73
C PHE C 44 5.78 27.12 25.51
N THR C 45 4.67 27.16 24.79
CA THR C 45 3.36 27.37 25.41
C THR C 45 2.45 26.18 25.14
N GLN C 46 1.88 25.61 26.19
CA GLN C 46 1.01 24.47 25.97
C GLN C 46 -0.15 24.82 25.02
N LEU C 47 -0.50 23.86 24.16
CA LEU C 47 -1.55 24.06 23.17
C LEU C 47 -2.69 23.12 23.46
N GLU C 48 -3.81 23.65 23.95
CA GLU C 48 -4.90 22.75 24.30
C GLU C 48 -5.44 22.02 23.06
N ILE C 49 -5.71 20.72 23.21
CA ILE C 49 -6.17 19.91 22.10
C ILE C 49 -7.61 19.52 22.34
N VAL C 50 -8.50 20.01 21.47
CA VAL C 50 -9.94 19.88 21.70
C VAL C 50 -10.70 19.35 20.48
N PRO C 51 -11.88 18.76 20.70
CA PRO C 51 -12.74 18.27 19.62
C PRO C 51 -12.95 19.38 18.59
N GLN C 52 -12.88 19.04 17.31
CA GLN C 52 -13.19 19.97 16.24
C GLN C 52 -14.58 19.65 15.70
N PHE C 53 -15.50 20.61 15.83
CA PHE C 53 -16.86 20.43 15.31
C PHE C 53 -16.87 20.48 13.78
N GLY C 54 -17.52 19.49 13.16
CA GLY C 54 -17.52 19.40 11.72
C GLY C 54 -16.53 18.37 11.16
N SER C 55 -15.53 18.02 11.97
CA SER C 55 -14.51 17.07 11.60
C SER C 55 -14.62 15.89 12.55
N PRO C 56 -15.53 14.94 12.27
CA PRO C 56 -15.77 13.83 13.18
C PRO C 56 -14.49 13.11 13.64
N ASN C 57 -14.43 12.87 14.95
CA ASN C 57 -13.29 12.22 15.61
C ASN C 57 -11.94 12.91 15.44
N MET C 58 -11.94 14.19 15.08
CA MET C 58 -10.70 14.94 15.04
C MET C 58 -10.54 15.74 16.34
N PHE C 59 -9.32 15.81 16.85
CA PHE C 59 -8.99 16.72 17.95
C PHE C 59 -7.82 17.55 17.53
N GLY C 60 -7.76 18.79 17.97
CA GLY C 60 -6.71 19.68 17.52
C GLY C 60 -6.73 20.97 18.30
N GLY C 61 -5.89 21.90 17.87
CA GLY C 61 -5.84 23.20 18.48
C GLY C 61 -4.92 24.03 17.62
N GLU C 62 -4.97 25.35 17.78
CA GLU C 62 -4.13 26.25 16.99
C GLU C 62 -3.84 27.59 17.66
N ASP C 63 -2.84 28.28 17.12
CA ASP C 63 -2.53 29.63 17.48
C ASP C 63 -2.27 30.34 16.15
N GLU C 64 -1.78 31.57 16.19
CA GLU C 64 -1.60 32.34 14.95
C GLU C 64 -0.64 31.67 13.95
N HIS C 65 0.17 30.75 14.44
CA HIS C 65 1.29 30.18 13.68
C HIS C 65 1.00 28.79 13.09
N VAL C 66 0.62 27.88 13.97
CA VAL C 66 0.55 26.48 13.63
C VAL C 66 -0.80 25.90 14.02
N ARG C 67 -1.37 25.02 13.19
CA ARG C 67 -2.48 24.20 13.66
C ARG C 67 -2.01 22.77 13.82
N VAL C 68 -2.52 22.07 14.85
CA VAL C 68 -2.12 20.69 15.09
C VAL C 68 -3.34 19.81 15.28
N MET C 69 -3.35 18.66 14.62
CA MET C 69 -4.50 17.77 14.68
C MET C 69 -4.19 16.28 14.72
N PHE C 70 -5.02 15.55 15.46
CA PHE C 70 -4.94 14.11 15.59
C PHE C 70 -6.29 13.54 15.22
N SER C 71 -6.28 12.27 14.82
CA SER C 71 -7.54 11.58 14.66
C SER C 71 -7.68 10.61 15.82
N ASN C 72 -8.89 10.51 16.36
CA ASN C 72 -9.14 9.61 17.46
C ASN C 72 -9.77 8.33 16.96
N GLU C 73 -9.00 7.24 16.99
CA GLU C 73 -9.49 5.95 16.51
C GLU C 73 -9.95 5.01 17.63
N ASP C 74 -9.90 5.46 18.88
CA ASP C 74 -10.42 4.68 20.00
C ASP C 74 -11.93 4.52 19.84
N PRO C 75 -12.41 3.28 19.80
CA PRO C 75 -13.83 2.98 19.59
C PRO C 75 -14.70 3.37 20.77
N ASN C 76 -14.20 3.17 21.98
CA ASN C 76 -14.97 3.38 23.20
C ASN C 76 -14.74 4.70 23.94
N ASP C 77 -13.86 5.54 23.42
CA ASP C 77 -13.58 6.80 24.10
C ASP C 77 -13.69 7.99 23.17
N ASP C 78 -14.68 8.84 23.43
CA ASP C 78 -14.86 10.10 22.71
C ASP C 78 -14.04 11.21 23.37
N ASN C 79 -13.55 10.94 24.58
CA ASN C 79 -12.70 11.89 25.30
C ASN C 79 -11.36 11.26 25.65
N PRO C 80 -10.55 10.94 24.63
CA PRO C 80 -9.29 10.22 24.84
C PRO C 80 -8.24 11.15 25.40
N ASP C 81 -7.29 10.61 26.16
CA ASP C 81 -6.15 11.39 26.64
C ASP C 81 -4.89 11.25 25.79
N ALA C 82 -4.92 10.39 24.77
CA ALA C 82 -3.74 10.17 23.94
C ALA C 82 -4.05 9.63 22.55
N PHE C 83 -3.07 9.74 21.67
CA PHE C 83 -3.25 9.41 20.27
C PHE C 83 -2.17 8.46 19.76
N PRO C 84 -2.46 7.17 19.80
CA PRO C 84 -1.57 6.09 19.33
C PRO C 84 -1.34 6.11 17.82
N GLU C 85 -2.39 6.41 17.03
CA GLU C 85 -2.33 6.29 15.58
C GLU C 85 -1.92 7.57 14.85
N PRO C 86 -0.81 7.53 14.10
CA PRO C 86 -0.53 8.68 13.22
C PRO C 86 -1.53 8.71 12.07
N PRO C 87 -1.48 9.75 11.21
CA PRO C 87 -0.49 10.82 11.29
C PRO C 87 -0.92 11.92 12.23
N VAL C 88 -0.01 12.86 12.44
CA VAL C 88 -0.39 14.10 13.10
C VAL C 88 -0.32 15.19 12.04
N TYR C 89 -1.38 15.97 11.90
CA TYR C 89 -1.41 17.02 10.90
C TYR C 89 -0.86 18.33 11.44
N LEU C 90 0.10 18.89 10.72
CA LEU C 90 0.65 20.17 11.09
C LEU C 90 0.43 21.19 9.96
N ALA C 91 -0.31 22.25 10.27
CA ALA C 91 -0.55 23.32 9.30
C ALA C 91 0.28 24.54 9.63
N ASP C 92 1.17 24.92 8.71
CA ASP C 92 1.91 26.16 8.87
C ASP C 92 1.03 27.28 8.32
N ARG C 93 0.59 28.18 9.19
CA ARG C 93 -0.36 29.24 8.80
C ARG C 93 0.32 30.33 7.97
N ASP C 94 1.60 30.58 8.24
CA ASP C 94 2.37 31.51 7.44
C ASP C 94 2.39 31.09 5.98
N SER C 95 2.86 29.87 5.74
CA SER C 95 3.07 29.39 4.38
C SER C 95 1.78 28.95 3.67
N GLY C 96 0.77 28.61 4.46
CA GLY C 96 -0.47 28.06 3.91
C GLY C 96 -0.33 26.57 3.64
N ASN C 97 0.92 26.11 3.66
CA ASN C 97 1.25 24.70 3.45
C ASN C 97 1.05 23.86 4.71
N ASP C 98 0.82 22.57 4.53
CA ASP C 98 0.83 21.69 5.69
C ASP C 98 1.49 20.36 5.38
N CYS C 99 1.85 19.66 6.45
CA CYS C 99 2.60 18.43 6.32
C CYS C 99 2.12 17.46 7.37
N ARG C 100 2.51 16.20 7.21
CA ARG C 100 2.08 15.13 8.10
C ARG C 100 3.27 14.52 8.85
N ILE C 101 3.03 14.17 10.10
CA ILE C 101 4.01 13.40 10.88
C ILE C 101 3.50 11.98 10.85
N GLU C 102 4.20 11.14 10.09
CA GLU C 102 3.67 9.83 9.71
C GLU C 102 3.88 8.69 10.71
N ASP C 103 4.85 8.82 11.61
CA ASP C 103 5.07 7.80 12.64
C ASP C 103 5.57 8.41 13.95
N GLY C 104 5.33 7.70 15.05
CA GLY C 104 5.68 8.23 16.35
C GLY C 104 4.70 7.79 17.41
N GLY C 105 4.53 8.63 18.43
CA GLY C 105 3.52 8.39 19.44
C GLY C 105 4.06 7.47 20.52
N ILE C 106 3.19 7.04 21.42
CA ILE C 106 1.85 7.60 21.52
C ILE C 106 1.92 9.07 21.96
N TRP C 107 1.22 9.96 21.24
CA TRP C 107 1.16 11.37 21.60
C TRP C 107 0.19 11.65 22.74
N SER C 108 0.65 12.41 23.73
CA SER C 108 -0.17 12.79 24.89
C SER C 108 -1.06 13.96 24.50
N ARG C 109 -2.36 13.87 24.72
CA ARG C 109 -3.22 15.01 24.40
C ARG C 109 -2.86 16.28 25.20
N GLY C 110 -2.52 16.13 26.48
CA GLY C 110 -2.06 17.27 27.24
C GLY C 110 -0.64 17.71 26.96
N GLY C 111 0.03 17.05 26.02
CA GLY C 111 1.47 17.24 25.87
C GLY C 111 2.01 18.00 24.69
N VAL C 112 1.18 18.81 24.04
CA VAL C 112 1.61 19.51 22.84
C VAL C 112 1.95 20.94 23.24
N PHE C 113 3.04 21.49 22.70
CA PHE C 113 3.51 22.84 23.04
C PHE C 113 4.01 23.53 21.78
N LEU C 114 3.73 24.83 21.64
CA LEU C 114 4.23 25.58 20.49
C LEU C 114 5.33 26.57 20.86
N SER C 115 6.35 26.67 20.03
CA SER C 115 7.41 27.62 20.27
C SER C 115 6.87 29.01 19.96
N GLN C 116 7.50 30.04 20.53
CA GLN C 116 6.97 31.39 20.39
C GLN C 116 6.97 31.86 18.95
N ASP C 117 8.02 31.50 18.21
CA ASP C 117 8.14 31.93 16.82
C ASP C 117 7.35 31.02 15.88
N GLY C 118 6.73 29.99 16.43
CA GLY C 118 5.92 29.09 15.63
C GLY C 118 6.70 28.09 14.79
N ARG C 119 8.03 28.08 14.91
CA ARG C 119 8.84 27.18 14.10
C ARG C 119 9.05 25.77 14.66
N ARG C 120 8.60 25.52 15.88
CA ARG C 120 8.79 24.21 16.48
C ARG C 120 7.55 23.77 17.21
N VAL C 121 7.25 22.47 17.14
CA VAL C 121 6.18 21.88 17.92
C VAL C 121 6.76 20.79 18.81
N LEU C 122 6.64 20.98 20.11
CA LEU C 122 7.20 20.06 21.10
C LEU C 122 6.12 19.11 21.60
N MET C 123 6.39 17.82 21.58
CA MET C 123 5.38 16.84 21.93
C MET C 123 5.90 15.80 22.89
N HIS C 124 5.02 15.36 23.77
CA HIS C 124 5.31 14.30 24.69
C HIS C 124 4.77 13.02 24.09
N GLU C 125 5.65 12.02 23.98
CA GLU C 125 5.27 10.75 23.39
C GLU C 125 5.73 9.67 24.35
N PHE C 126 4.98 8.59 24.44
CA PHE C 126 5.31 7.56 25.42
C PHE C 126 4.97 6.19 24.84
N SER C 127 5.69 5.18 25.31
CA SER C 127 5.32 3.80 25.00
C SER C 127 5.56 2.96 26.25
N GLY C 128 4.54 2.30 26.76
CA GLY C 128 4.74 1.46 27.94
C GLY C 128 5.07 2.31 29.17
N SER C 129 6.23 2.09 29.76
CA SER C 129 6.70 2.95 30.84
C SER C 129 7.67 4.02 30.37
N SER C 130 8.13 3.91 29.13
CA SER C 130 9.07 4.90 28.58
C SER C 130 8.37 6.16 28.06
N ALA C 131 9.11 7.26 27.98
CA ALA C 131 8.55 8.50 27.46
C ALA C 131 9.64 9.39 26.97
N GLU C 132 9.29 10.36 26.13
CA GLU C 132 10.25 11.26 25.55
C GLU C 132 9.57 12.55 25.14
N LEU C 133 10.40 13.57 24.87
CA LEU C 133 9.95 14.85 24.40
C LEU C 133 10.62 15.09 23.06
N VAL C 134 9.80 15.31 22.04
CA VAL C 134 10.26 15.39 20.66
C VAL C 134 9.88 16.74 20.06
N SER C 135 10.83 17.40 19.44
CA SER C 135 10.58 18.68 18.82
C SER C 135 10.66 18.54 17.30
N TYR C 136 9.53 18.87 16.66
CA TYR C 136 9.36 18.82 15.21
C TYR C 136 9.37 20.20 14.57
N ASP C 137 9.90 20.27 13.36
CA ASP C 137 9.86 21.46 12.54
C ASP C 137 8.42 21.63 12.04
N SER C 138 7.85 22.81 12.23
CA SER C 138 6.45 23.04 11.86
C SER C 138 6.25 23.11 10.34
N ALA C 139 7.27 23.56 9.61
CA ALA C 139 7.22 23.56 8.16
C ALA C 139 7.42 22.16 7.53
N THR C 140 8.51 21.48 7.89
CA THR C 140 8.83 20.17 7.31
C THR C 140 8.20 18.95 7.99
N CYS C 141 7.80 19.09 9.25
CA CYS C 141 7.40 17.96 10.10
C CYS C 141 8.56 16.99 10.41
N LYS C 142 9.80 17.45 10.27
CA LYS C 142 10.94 16.58 10.54
C LYS C 142 11.32 16.67 12.02
N VAL C 143 11.76 15.56 12.59
CA VAL C 143 12.20 15.57 13.99
C VAL C 143 13.46 16.42 14.04
N VAL C 144 13.40 17.47 14.85
CA VAL C 144 14.56 18.31 15.14
C VAL C 144 15.35 17.84 16.35
N HIS C 145 14.64 17.41 17.38
CA HIS C 145 15.37 16.94 18.56
C HIS C 145 14.54 15.99 19.37
N ARG C 146 15.19 15.10 20.10
CA ARG C 146 14.47 14.08 20.85
C ARG C 146 15.18 13.82 22.16
N GLU C 147 14.41 13.71 23.24
CA GLU C 147 15.03 13.50 24.55
C GLU C 147 14.25 12.48 25.38
N ASP C 148 14.94 11.43 25.79
CA ASP C 148 14.34 10.37 26.57
C ASP C 148 14.16 10.91 27.99
N ILE C 149 12.92 10.96 28.45
CA ILE C 149 12.56 11.34 29.83
C ILE C 149 12.07 10.22 30.73
N SER C 150 12.22 8.97 30.29
CA SER C 150 11.61 7.86 31.03
C SER C 150 11.93 7.91 32.52
N GLY C 151 10.93 7.62 33.34
CA GLY C 151 11.11 7.54 34.78
C GLY C 151 10.91 8.86 35.50
N GLN C 152 10.99 9.96 34.74
CA GLN C 152 10.92 11.28 35.35
C GLN C 152 9.53 11.93 35.24
N ARG C 153 9.07 12.58 36.30
CA ARG C 153 7.94 13.48 36.16
C ARG C 153 8.49 14.69 35.43
N TRP C 154 7.62 15.50 34.82
CA TRP C 154 8.09 16.61 33.96
C TRP C 154 7.13 17.80 33.87
N ALA C 155 7.67 18.96 33.52
CA ALA C 155 6.84 20.11 33.20
C ALA C 155 7.51 21.09 32.23
N VAL C 156 6.69 21.76 31.43
CA VAL C 156 7.14 22.79 30.50
C VAL C 156 6.39 24.09 30.74
N ASP C 157 7.13 25.17 30.95
CA ASP C 157 6.56 26.48 31.25
C ASP C 157 7.47 27.52 30.63
N LYS C 158 7.20 28.78 30.95
CA LYS C 158 7.93 29.91 30.35
C LYS C 158 9.44 29.80 30.55
N ASP C 159 9.82 29.30 31.73
CA ASP C 159 11.22 29.28 32.16
C ASP C 159 12.07 28.26 31.40
N GLY C 160 11.46 27.13 31.06
CA GLY C 160 12.20 26.02 30.46
C GLY C 160 11.60 24.68 30.82
N LEU C 161 12.44 23.63 30.74
CA LEU C 161 11.98 22.28 31.07
C LEU C 161 12.39 21.86 32.49
N ARG C 162 11.51 21.19 33.20
CA ARG C 162 11.88 20.61 34.50
C ARG C 162 11.57 19.13 34.56
N LEU C 163 12.55 18.33 35.02
CA LEU C 163 12.36 16.90 35.18
C LEU C 163 12.60 16.56 36.64
N GLY C 164 11.91 15.58 37.18
CA GLY C 164 12.12 15.24 38.57
C GLY C 164 11.97 13.77 38.89
N GLN C 165 12.61 13.36 39.98
CA GLN C 165 12.66 11.96 40.40
C GLN C 165 12.26 11.85 41.85
N LYS C 166 11.97 10.63 42.30
CA LYS C 166 11.56 10.40 43.68
C LYS C 166 10.34 11.26 44.02
N CYS C 167 9.18 10.86 43.49
CA CYS C 167 7.98 11.70 43.60
C CYS C 167 6.80 11.03 44.32
N SER C 168 5.98 11.87 44.94
CA SER C 168 4.72 11.41 45.53
C SER C 168 3.58 11.30 44.53
N GLY C 169 3.60 12.15 43.49
CA GLY C 169 2.50 12.25 42.55
C GLY C 169 2.98 12.66 41.16
N GLU C 170 2.07 12.85 40.21
CA GLU C 170 2.47 13.22 38.85
C GLU C 170 3.02 14.64 38.73
N SER C 171 2.82 15.46 39.78
CA SER C 171 3.36 16.81 39.79
C SER C 171 4.87 16.76 39.96
N VAL C 172 5.58 17.39 39.04
CA VAL C 172 7.02 17.43 39.13
C VAL C 172 7.45 18.04 40.46
N ASP C 173 6.54 18.82 41.06
CA ASP C 173 6.86 19.53 42.29
C ASP C 173 6.78 18.64 43.53
N SER C 174 6.32 17.41 43.33
CA SER C 174 6.31 16.42 44.39
C SER C 174 7.62 15.67 44.39
N CYS C 175 8.56 16.10 43.56
CA CYS C 175 9.82 15.38 43.40
C CYS C 175 10.95 15.86 44.30
N ALA C 176 11.50 14.93 45.06
CA ALA C 176 12.65 15.18 45.91
C ALA C 176 13.92 15.48 45.11
N LYS C 177 13.86 15.32 43.79
CA LYS C 177 14.95 15.79 42.95
C LYS C 177 14.43 16.46 41.68
N ILE C 178 14.83 17.71 41.45
CA ILE C 178 14.33 18.48 40.32
C ILE C 178 15.44 19.15 39.54
N VAL C 179 15.58 18.76 38.28
CA VAL C 179 16.58 19.33 37.38
C VAL C 179 15.92 20.25 36.36
N LYS C 180 16.52 21.41 36.13
CA LYS C 180 16.08 22.32 35.08
C LYS C 180 16.91 22.05 33.84
N ARG C 181 16.28 21.53 32.80
CA ARG C 181 16.95 21.33 31.53
C ARG C 181 16.52 22.39 30.51
N SER C 182 17.49 22.79 29.70
CA SER C 182 17.30 23.83 28.71
C SER C 182 16.58 23.31 27.49
N LEU C 183 15.72 24.14 26.91
CA LEU C 183 14.95 23.74 25.75
C LEU C 183 15.64 24.18 24.47
N ALA C 184 16.79 24.83 24.61
CA ALA C 184 17.58 25.32 23.48
C ALA C 184 17.80 24.31 22.34
N PRO C 185 18.20 23.07 22.67
CA PRO C 185 18.41 22.05 21.63
C PRO C 185 17.17 21.72 20.82
N PHE C 186 15.99 21.98 21.37
CA PHE C 186 14.74 21.79 20.64
C PHE C 186 14.44 22.96 19.69
N CYS C 187 15.07 24.11 19.94
CA CYS C 187 14.86 25.33 19.16
C CYS C 187 15.86 25.54 18.03
N GLN C 188 15.86 26.75 17.48
CA GLN C 188 16.79 27.21 16.43
C GLN C 188 16.06 27.45 15.10
N ASP D 41 -9.47 -26.28 -28.98
CA ASP D 41 -10.51 -27.23 -28.60
C ASP D 41 -10.91 -27.03 -27.15
N CYS D 42 -12.22 -26.99 -26.88
CA CYS D 42 -12.64 -26.83 -25.51
C CYS D 42 -13.03 -28.20 -24.98
N THR D 43 -12.05 -28.83 -24.35
CA THR D 43 -12.20 -30.06 -23.59
C THR D 43 -11.08 -29.91 -22.57
N PHE D 44 -11.35 -30.35 -21.35
CA PHE D 44 -10.44 -30.06 -20.26
C PHE D 44 -9.89 -31.35 -19.70
N THR D 45 -8.61 -31.30 -19.32
CA THR D 45 -7.94 -32.42 -18.73
C THR D 45 -7.47 -32.01 -17.35
N GLN D 46 -7.88 -32.79 -16.35
CA GLN D 46 -7.51 -32.52 -14.99
C GLN D 46 -6.00 -32.45 -14.83
N LEU D 47 -5.53 -31.50 -14.03
CA LEU D 47 -4.12 -31.26 -13.81
C LEU D 47 -3.71 -31.75 -12.43
N GLU D 48 -2.69 -32.58 -12.36
CA GLU D 48 -2.23 -33.10 -11.09
C GLU D 48 -1.39 -32.02 -10.41
N ILE D 49 -1.71 -31.71 -9.16
CA ILE D 49 -0.96 -30.71 -8.38
C ILE D 49 -0.06 -31.37 -7.33
N VAL D 50 1.25 -31.11 -7.43
CA VAL D 50 2.22 -31.81 -6.59
C VAL D 50 3.24 -30.90 -5.92
N PRO D 51 3.87 -31.37 -4.84
CA PRO D 51 4.91 -30.57 -4.18
C PRO D 51 6.04 -30.29 -5.15
N GLN D 52 6.43 -29.04 -5.30
CA GLN D 52 7.55 -28.75 -6.18
C GLN D 52 8.85 -29.06 -5.48
N PHE D 53 9.73 -29.79 -6.16
CA PHE D 53 10.99 -30.22 -5.57
C PHE D 53 11.80 -29.00 -5.09
N GLY D 54 12.16 -29.01 -3.81
CA GLY D 54 13.03 -27.98 -3.26
C GLY D 54 12.36 -26.64 -3.03
N SER D 55 11.17 -26.47 -3.59
CA SER D 55 10.38 -25.27 -3.33
C SER D 55 9.59 -25.48 -2.05
N PRO D 56 9.91 -24.69 -1.01
CA PRO D 56 9.26 -24.88 0.29
C PRO D 56 7.76 -24.63 0.21
N ASN D 57 6.98 -25.62 0.62
CA ASN D 57 5.52 -25.53 0.64
C ASN D 57 4.91 -24.96 -0.64
N MET D 58 5.53 -25.27 -1.78
CA MET D 58 5.00 -24.87 -3.07
C MET D 58 4.38 -26.09 -3.74
N PHE D 59 3.19 -25.93 -4.29
CA PHE D 59 2.54 -27.01 -5.01
C PHE D 59 2.29 -26.60 -6.45
N GLY D 60 2.34 -27.55 -7.38
CA GLY D 60 2.17 -27.16 -8.76
C GLY D 60 1.93 -28.32 -9.71
N GLY D 61 1.62 -27.98 -10.95
CA GLY D 61 1.53 -28.97 -12.00
C GLY D 61 1.73 -28.25 -13.32
N GLU D 62 2.02 -28.99 -14.39
CA GLU D 62 2.15 -28.38 -15.69
C GLU D 62 1.87 -29.37 -16.82
N ASP D 63 1.51 -28.83 -17.98
CA ASP D 63 1.51 -29.61 -19.22
C ASP D 63 2.35 -28.86 -20.25
N GLU D 64 2.31 -29.27 -21.50
CA GLU D 64 3.17 -28.62 -22.50
C GLU D 64 2.83 -27.13 -22.70
N HIS D 65 1.66 -26.73 -22.20
CA HIS D 65 1.13 -25.38 -22.40
C HIS D 65 1.22 -24.49 -21.15
N VAL D 66 0.57 -24.91 -20.07
CA VAL D 66 0.43 -24.09 -18.88
C VAL D 66 1.04 -24.69 -17.62
N ARG D 67 1.51 -23.84 -16.74
CA ARG D 67 1.99 -24.28 -15.44
C ARG D 67 1.18 -23.56 -14.34
N VAL D 68 0.74 -24.31 -13.33
CA VAL D 68 -0.08 -23.75 -12.25
C VAL D 68 0.58 -23.99 -10.91
N MET D 69 0.76 -22.92 -10.14
CA MET D 69 1.47 -22.99 -8.87
C MET D 69 0.72 -22.34 -7.70
N PHE D 70 0.64 -23.06 -6.58
CA PHE D 70 0.04 -22.55 -5.34
C PHE D 70 1.09 -22.50 -4.24
N SER D 71 0.86 -21.66 -3.25
CA SER D 71 1.69 -21.69 -2.06
C SER D 71 0.86 -22.22 -0.88
N ASN D 72 1.38 -23.22 -0.20
CA ASN D 72 0.66 -23.84 0.91
C ASN D 72 1.06 -23.19 2.21
N GLU D 73 0.14 -22.41 2.77
CA GLU D 73 0.40 -21.68 4.00
C GLU D 73 -0.16 -22.39 5.25
N ASP D 74 -0.69 -23.59 5.03
CA ASP D 74 -1.12 -24.42 6.15
C ASP D 74 0.13 -25.09 6.72
N PRO D 75 0.51 -24.70 7.95
CA PRO D 75 1.74 -25.15 8.61
C PRO D 75 1.70 -26.63 9.01
N ASN D 76 0.49 -27.12 9.28
CA ASN D 76 0.28 -28.48 9.73
C ASN D 76 0.29 -29.52 8.61
N ASP D 77 -0.38 -29.20 7.50
CA ASP D 77 -0.59 -30.16 6.42
C ASP D 77 0.39 -30.00 5.27
N ASP D 78 1.21 -31.03 5.08
CA ASP D 78 2.11 -31.08 3.94
C ASP D 78 1.44 -31.85 2.79
N ASN D 79 0.19 -32.24 2.99
CA ASN D 79 -0.62 -32.84 1.93
C ASN D 79 -2.02 -32.21 1.90
N PRO D 80 -2.08 -30.88 1.75
CA PRO D 80 -3.36 -30.16 1.75
C PRO D 80 -4.21 -30.55 0.54
N ASP D 81 -5.52 -30.45 0.71
CA ASP D 81 -6.43 -30.61 -0.41
C ASP D 81 -6.93 -29.30 -0.98
N ALA D 82 -6.45 -28.18 -0.45
CA ALA D 82 -6.99 -26.88 -0.83
C ALA D 82 -6.04 -25.71 -0.54
N PHE D 83 -6.27 -24.60 -1.24
CA PHE D 83 -5.45 -23.42 -1.08
C PHE D 83 -6.28 -22.15 -0.90
N PRO D 84 -6.53 -21.76 0.36
CA PRO D 84 -7.28 -20.54 0.68
C PRO D 84 -6.49 -19.30 0.33
N GLU D 85 -5.16 -19.33 0.44
CA GLU D 85 -4.36 -18.13 0.27
C GLU D 85 -3.88 -17.92 -1.16
N PRO D 86 -4.36 -16.84 -1.81
CA PRO D 86 -3.79 -16.38 -3.09
C PRO D 86 -2.34 -15.94 -2.89
N PRO D 87 -1.64 -15.61 -3.98
CA PRO D 87 -2.16 -15.70 -5.33
C PRO D 87 -1.95 -17.12 -5.90
N VAL D 88 -2.51 -17.34 -7.08
CA VAL D 88 -2.26 -18.56 -7.83
C VAL D 88 -1.40 -18.11 -8.98
N TYR D 89 -0.30 -18.81 -9.22
CA TYR D 89 0.61 -18.42 -10.29
C TYR D 89 0.33 -19.20 -11.57
N LEU D 90 0.09 -18.48 -12.67
CA LEU D 90 -0.04 -19.14 -13.97
C LEU D 90 1.11 -18.78 -14.88
N ALA D 91 1.75 -19.79 -15.45
CA ALA D 91 2.83 -19.58 -16.42
C ALA D 91 2.47 -20.12 -17.81
N ASP D 92 2.54 -19.24 -18.79
CA ASP D 92 2.28 -19.59 -20.19
C ASP D 92 3.61 -20.02 -20.83
N ARG D 93 3.71 -21.29 -21.18
CA ARG D 93 4.97 -21.87 -21.64
C ARG D 93 5.28 -21.56 -23.09
N ASP D 94 4.24 -21.32 -23.88
CA ASP D 94 4.40 -20.89 -25.26
C ASP D 94 5.03 -19.50 -25.32
N SER D 95 4.48 -18.57 -24.55
CA SER D 95 4.93 -17.17 -24.56
C SER D 95 6.19 -16.94 -23.74
N GLY D 96 6.30 -17.62 -22.61
CA GLY D 96 7.44 -17.43 -21.71
C GLY D 96 7.14 -16.36 -20.67
N ASN D 97 5.86 -16.00 -20.57
CA ASN D 97 5.45 -15.00 -19.61
C ASN D 97 4.55 -15.63 -18.54
N ASP D 98 4.16 -14.83 -17.55
CA ASP D 98 3.40 -15.35 -16.42
C ASP D 98 2.62 -14.25 -15.72
N CYS D 99 1.64 -14.66 -14.91
CA CYS D 99 0.78 -13.71 -14.26
C CYS D 99 0.20 -14.31 -13.00
N ARG D 100 -0.38 -13.45 -12.17
CA ARG D 100 -0.93 -13.91 -10.91
C ARG D 100 -2.44 -13.74 -10.88
N ILE D 101 -3.11 -14.74 -10.30
CA ILE D 101 -4.51 -14.58 -9.96
C ILE D 101 -4.52 -14.18 -8.50
N GLU D 102 -4.93 -12.94 -8.24
CA GLU D 102 -4.80 -12.33 -6.92
C GLU D 102 -5.90 -12.66 -5.91
N ASP D 103 -7.05 -13.15 -6.40
CA ASP D 103 -8.16 -13.57 -5.55
C ASP D 103 -9.09 -14.48 -6.37
N GLY D 104 -9.87 -15.33 -5.72
CA GLY D 104 -9.89 -15.43 -4.26
C GLY D 104 -10.07 -16.83 -3.67
N GLY D 105 -10.37 -17.83 -4.49
CA GLY D 105 -10.53 -19.19 -3.96
C GLY D 105 -11.81 -19.48 -3.17
N ILE D 106 -11.79 -20.43 -2.24
CA ILE D 106 -10.69 -21.34 -1.96
C ILE D 106 -10.49 -22.37 -3.09
N TRP D 107 -9.24 -22.61 -3.49
CA TRP D 107 -8.91 -23.49 -4.60
C TRP D 107 -8.68 -24.94 -4.19
N SER D 108 -9.55 -25.84 -4.64
CA SER D 108 -9.35 -27.27 -4.40
C SER D 108 -8.14 -27.79 -5.15
N ARG D 109 -7.26 -28.51 -4.46
CA ARG D 109 -6.08 -29.00 -5.15
C ARG D 109 -6.46 -29.97 -6.28
N GLY D 110 -7.49 -30.78 -6.05
CA GLY D 110 -7.91 -31.78 -7.02
C GLY D 110 -8.95 -31.28 -8.00
N GLY D 111 -9.14 -29.97 -8.02
CA GLY D 111 -10.11 -29.30 -8.88
C GLY D 111 -9.58 -28.46 -10.04
N VAL D 112 -8.35 -28.70 -10.48
CA VAL D 112 -7.74 -27.88 -11.52
C VAL D 112 -7.70 -28.60 -12.88
N PHE D 113 -8.15 -27.92 -13.94
CA PHE D 113 -8.17 -28.49 -15.29
C PHE D 113 -7.54 -27.54 -16.32
N LEU D 114 -6.89 -28.10 -17.34
CA LEU D 114 -6.39 -27.29 -18.44
C LEU D 114 -7.12 -27.64 -19.74
N SER D 115 -7.50 -26.63 -20.50
CA SER D 115 -8.11 -26.87 -21.80
C SER D 115 -7.03 -27.32 -22.78
N GLN D 116 -7.44 -27.98 -23.87
CA GLN D 116 -6.49 -28.59 -24.80
C GLN D 116 -5.55 -27.61 -25.50
N ASP D 117 -6.08 -26.48 -25.94
CA ASP D 117 -5.26 -25.44 -26.56
C ASP D 117 -4.36 -24.73 -25.55
N GLY D 118 -4.63 -24.94 -24.26
CA GLY D 118 -3.84 -24.33 -23.20
C GLY D 118 -4.20 -22.88 -22.91
N ARG D 119 -5.35 -22.41 -23.39
CA ARG D 119 -5.76 -21.03 -23.21
C ARG D 119 -6.68 -20.80 -22.00
N ARG D 120 -7.17 -21.87 -21.41
CA ARG D 120 -8.10 -21.76 -20.30
C ARG D 120 -7.65 -22.66 -19.17
N VAL D 121 -7.57 -22.12 -17.96
CA VAL D 121 -7.41 -22.91 -16.74
C VAL D 121 -8.75 -22.88 -16.03
N LEU D 122 -9.37 -24.05 -15.84
CA LEU D 122 -10.64 -24.13 -15.13
C LEU D 122 -10.40 -24.57 -13.70
N MET D 123 -11.02 -23.90 -12.72
CA MET D 123 -10.71 -24.20 -11.32
C MET D 123 -11.94 -24.30 -10.45
N HIS D 124 -11.94 -25.27 -9.54
CA HIS D 124 -13.00 -25.41 -8.57
C HIS D 124 -12.65 -24.52 -7.38
N GLU D 125 -13.58 -23.67 -7.00
CA GLU D 125 -13.35 -22.74 -5.90
C GLU D 125 -14.56 -22.79 -4.98
N PHE D 126 -14.33 -22.77 -3.68
CA PHE D 126 -15.44 -22.85 -2.75
C PHE D 126 -15.30 -21.92 -1.55
N SER D 127 -16.44 -21.54 -0.98
CA SER D 127 -16.49 -20.82 0.28
C SER D 127 -17.64 -21.35 1.11
N GLY D 128 -17.35 -21.88 2.30
CA GLY D 128 -18.43 -22.32 3.18
C GLY D 128 -19.20 -23.49 2.58
N SER D 129 -20.49 -23.28 2.35
CA SER D 129 -21.34 -24.26 1.67
C SER D 129 -21.42 -24.05 0.14
N SER D 130 -20.87 -22.95 -0.35
CA SER D 130 -21.08 -22.58 -1.73
C SER D 130 -19.86 -22.88 -2.56
N ALA D 131 -20.07 -23.19 -3.84
CA ALA D 131 -18.97 -23.58 -4.72
C ALA D 131 -19.20 -23.15 -6.17
N GLU D 132 -18.13 -23.14 -6.94
CA GLU D 132 -18.20 -22.63 -8.29
C GLU D 132 -17.07 -23.18 -9.16
N LEU D 133 -17.30 -23.16 -10.47
CA LEU D 133 -16.26 -23.45 -11.43
C LEU D 133 -15.88 -22.14 -12.10
N VAL D 134 -14.59 -21.87 -12.18
CA VAL D 134 -14.13 -20.58 -12.64
C VAL D 134 -13.07 -20.76 -13.70
N SER D 135 -13.35 -20.29 -14.89
CA SER D 135 -12.39 -20.38 -15.97
C SER D 135 -11.60 -19.09 -16.13
N TYR D 136 -10.28 -19.22 -16.20
CA TYR D 136 -9.34 -18.12 -16.35
C TYR D 136 -8.58 -18.21 -17.66
N ASP D 137 -8.25 -17.05 -18.20
CA ASP D 137 -7.45 -16.98 -19.40
C ASP D 137 -6.02 -17.17 -18.96
N SER D 138 -5.32 -18.11 -19.57
CA SER D 138 -4.02 -18.53 -19.06
C SER D 138 -2.89 -17.56 -19.40
N ALA D 139 -3.11 -16.70 -20.39
CA ALA D 139 -2.15 -15.63 -20.64
C ALA D 139 -2.35 -14.37 -19.77
N THR D 140 -3.60 -13.93 -19.62
CA THR D 140 -3.91 -12.72 -18.85
C THR D 140 -4.20 -12.91 -17.35
N CYS D 141 -4.58 -14.13 -16.97
CA CYS D 141 -5.07 -14.42 -15.63
C CYS D 141 -6.46 -13.85 -15.35
N LYS D 142 -7.05 -13.20 -16.34
CA LYS D 142 -8.39 -12.63 -16.12
C LYS D 142 -9.44 -13.73 -16.01
N VAL D 143 -10.51 -13.46 -15.28
CA VAL D 143 -11.58 -14.43 -15.18
C VAL D 143 -12.41 -14.35 -16.45
N VAL D 144 -12.44 -15.44 -17.20
CA VAL D 144 -13.27 -15.54 -18.39
C VAL D 144 -14.70 -15.98 -18.12
N HIS D 145 -14.88 -16.91 -17.18
CA HIS D 145 -16.27 -17.30 -16.89
C HIS D 145 -16.46 -17.90 -15.49
N ARG D 146 -17.66 -17.75 -14.93
CA ARG D 146 -17.91 -18.20 -13.57
C ARG D 146 -19.27 -18.87 -13.44
N GLU D 147 -19.27 -20.15 -13.07
CA GLU D 147 -20.51 -20.92 -12.96
C GLU D 147 -20.75 -21.31 -11.52
N ASP D 148 -21.94 -21.02 -11.01
CA ASP D 148 -22.23 -21.34 -9.62
C ASP D 148 -22.80 -22.76 -9.55
N ILE D 149 -22.02 -23.66 -8.96
CA ILE D 149 -22.40 -25.05 -8.71
C ILE D 149 -22.86 -25.40 -7.29
N SER D 150 -23.09 -24.41 -6.44
CA SER D 150 -23.48 -24.67 -5.05
C SER D 150 -24.61 -25.69 -4.98
N GLY D 151 -24.44 -26.69 -4.12
CA GLY D 151 -25.48 -27.66 -3.85
C GLY D 151 -25.46 -28.85 -4.78
N GLN D 152 -24.56 -28.81 -5.76
CA GLN D 152 -24.52 -29.82 -6.82
C GLN D 152 -23.36 -30.78 -6.64
N ARG D 153 -23.55 -32.04 -7.00
CA ARG D 153 -22.38 -32.90 -7.21
C ARG D 153 -21.90 -32.61 -8.61
N TRP D 154 -20.61 -32.70 -8.85
CA TRP D 154 -20.12 -32.30 -10.17
C TRP D 154 -19.06 -33.21 -10.73
N ALA D 155 -18.94 -33.21 -12.06
CA ALA D 155 -17.80 -33.80 -12.74
C ALA D 155 -17.54 -33.09 -14.08
N VAL D 156 -16.26 -32.92 -14.38
CA VAL D 156 -15.87 -32.35 -15.65
C VAL D 156 -15.41 -33.49 -16.55
N ASP D 157 -16.15 -33.71 -17.63
CA ASP D 157 -15.82 -34.75 -18.59
C ASP D 157 -15.43 -34.08 -19.88
N LYS D 158 -14.99 -34.86 -20.87
CA LYS D 158 -14.66 -34.30 -22.18
C LYS D 158 -15.95 -33.93 -22.88
N ASP D 159 -16.98 -34.75 -22.68
CA ASP D 159 -18.27 -34.52 -23.31
C ASP D 159 -18.93 -33.24 -22.78
N GLY D 160 -18.54 -32.84 -21.56
CA GLY D 160 -19.17 -31.69 -20.92
C GLY D 160 -19.11 -31.71 -19.41
N LEU D 161 -20.03 -30.97 -18.80
CA LEU D 161 -20.10 -30.86 -17.35
C LEU D 161 -21.33 -31.58 -16.81
N ARG D 162 -21.13 -32.50 -15.87
CA ARG D 162 -22.28 -33.13 -15.23
C ARG D 162 -22.50 -32.59 -13.83
N LEU D 163 -23.75 -32.25 -13.54
CA LEU D 163 -24.15 -31.84 -12.21
C LEU D 163 -25.22 -32.81 -11.72
N GLY D 164 -25.35 -32.98 -10.41
CA GLY D 164 -26.32 -33.92 -9.88
C GLY D 164 -26.91 -33.55 -8.54
N GLN D 165 -28.08 -34.10 -8.26
CA GLN D 165 -28.79 -33.86 -7.00
C GLN D 165 -29.31 -35.20 -6.46
N LYS D 166 -29.75 -35.21 -5.20
CA LYS D 166 -30.19 -36.46 -4.56
C LYS D 166 -29.09 -37.50 -4.64
N CYS D 167 -28.00 -37.25 -3.90
CA CYS D 167 -26.78 -38.03 -4.10
C CYS D 167 -26.34 -38.75 -2.83
N SER D 168 -26.05 -40.04 -2.99
CA SER D 168 -25.59 -40.84 -1.86
C SER D 168 -24.15 -40.46 -1.51
N GLY D 169 -23.34 -40.26 -2.53
CA GLY D 169 -21.96 -39.84 -2.33
C GLY D 169 -21.64 -38.43 -2.77
N GLU D 170 -20.34 -38.14 -2.82
CA GLU D 170 -19.83 -36.91 -3.39
C GLU D 170 -19.72 -37.06 -4.90
N SER D 171 -19.62 -38.32 -5.35
CA SER D 171 -19.49 -38.63 -6.76
C SER D 171 -20.78 -38.27 -7.48
N VAL D 172 -20.66 -37.71 -8.68
CA VAL D 172 -21.84 -37.32 -9.45
C VAL D 172 -22.63 -38.55 -9.89
N ASP D 173 -21.94 -39.68 -10.03
CA ASP D 173 -22.58 -40.92 -10.45
C ASP D 173 -23.50 -41.45 -9.37
N SER D 174 -23.29 -41.01 -8.14
CA SER D 174 -24.10 -41.46 -7.02
C SER D 174 -25.39 -40.64 -6.94
N CYS D 175 -25.57 -39.74 -7.89
CA CYS D 175 -26.74 -38.88 -7.90
C CYS D 175 -27.89 -39.55 -8.63
N ALA D 176 -29.10 -39.32 -8.13
CA ALA D 176 -30.28 -39.80 -8.82
C ALA D 176 -30.53 -38.97 -10.09
N LYS D 177 -30.60 -37.66 -9.93
CA LYS D 177 -30.90 -36.76 -11.05
C LYS D 177 -29.63 -36.07 -11.55
N ILE D 178 -29.18 -36.46 -12.73
CA ILE D 178 -27.94 -35.93 -13.31
C ILE D 178 -28.19 -35.14 -14.58
N VAL D 179 -27.91 -33.85 -14.54
CA VAL D 179 -28.05 -32.98 -15.70
C VAL D 179 -26.70 -32.70 -16.35
N LYS D 180 -26.67 -32.53 -17.67
CA LYS D 180 -25.44 -32.18 -18.36
C LYS D 180 -25.50 -30.79 -18.99
N ARG D 181 -24.42 -30.02 -18.84
CA ARG D 181 -24.30 -28.68 -19.41
C ARG D 181 -23.05 -28.60 -20.28
N SER D 182 -23.04 -27.65 -21.21
CA SER D 182 -21.89 -27.49 -22.10
C SER D 182 -20.76 -26.70 -21.44
N LEU D 183 -19.53 -27.04 -21.82
CA LEU D 183 -18.37 -26.32 -21.30
C LEU D 183 -18.01 -25.08 -22.12
N ALA D 184 -18.74 -24.82 -23.19
CA ALA D 184 -18.43 -23.71 -24.11
C ALA D 184 -18.22 -22.37 -23.41
N PRO D 185 -19.13 -22.01 -22.48
CA PRO D 185 -19.00 -20.71 -21.82
C PRO D 185 -17.62 -20.52 -21.18
N PHE D 186 -16.95 -21.60 -20.79
CA PHE D 186 -15.62 -21.51 -20.18
C PHE D 186 -14.47 -21.26 -21.18
N CYS D 187 -14.77 -21.33 -22.48
CA CYS D 187 -13.76 -21.07 -23.51
C CYS D 187 -14.09 -19.86 -24.38
N LEU E 24 11.17 21.87 -33.33
CA LEU E 24 9.72 21.84 -33.22
C LEU E 24 9.20 20.54 -33.80
N ASP E 25 8.19 19.97 -33.16
CA ASP E 25 7.57 18.73 -33.63
C ASP E 25 6.31 18.97 -34.45
N GLN E 26 6.02 20.25 -34.71
CA GLN E 26 4.77 20.67 -35.36
C GLN E 26 4.42 19.89 -36.62
N CYS E 27 5.43 19.58 -37.43
CA CYS E 27 5.20 18.84 -38.68
C CYS E 27 4.46 17.51 -38.46
N ILE E 28 4.89 16.77 -37.44
CA ILE E 28 4.27 15.49 -37.11
C ILE E 28 2.81 15.65 -36.70
N VAL E 29 2.53 16.67 -35.89
CA VAL E 29 1.16 16.96 -35.50
C VAL E 29 0.34 17.26 -36.75
N ASN E 30 0.97 17.94 -37.71
CA ASN E 30 0.32 18.21 -38.98
C ASN E 30 -0.02 16.93 -39.73
N ALA E 31 0.98 16.06 -39.91
CA ALA E 31 0.76 14.79 -40.58
C ALA E 31 -0.39 14.02 -39.92
N CYS E 32 -0.50 14.13 -38.59
CA CYS E 32 -1.60 13.47 -37.87
C CYS E 32 -2.95 14.09 -38.21
N LYS E 33 -3.03 15.41 -38.09
CA LYS E 33 -4.21 16.16 -38.48
C LYS E 33 -4.71 15.75 -39.89
N ASN E 34 -3.80 15.78 -40.87
CA ASN E 34 -4.17 15.43 -42.25
C ASN E 34 -4.58 13.97 -42.37
N SER E 35 -3.66 13.09 -42.02
CA SER E 35 -3.84 11.65 -42.17
C SER E 35 -5.09 11.13 -41.48
N TRP E 36 -5.62 11.91 -40.54
CA TRP E 36 -6.82 11.47 -39.85
C TRP E 36 -7.94 11.08 -40.81
N ASP E 37 -8.31 12.01 -41.70
CA ASP E 37 -9.48 11.83 -42.56
C ASP E 37 -9.26 10.89 -43.74
N LYS E 38 -8.00 10.56 -44.04
CA LYS E 38 -7.70 9.71 -45.17
C LYS E 38 -8.13 8.27 -44.88
N SER E 39 -7.95 7.40 -45.87
CA SER E 39 -8.03 5.96 -45.65
C SER E 39 -6.82 5.37 -46.35
N TYR E 40 -5.88 4.83 -45.58
CA TYR E 40 -4.68 4.29 -46.20
C TYR E 40 -5.11 3.03 -46.93
N LEU E 41 -5.77 2.15 -46.21
CA LEU E 41 -6.45 1.02 -46.80
C LEU E 41 -7.78 1.51 -47.33
N ALA E 42 -8.01 1.35 -48.63
CA ALA E 42 -9.21 1.88 -49.27
C ALA E 42 -10.48 1.24 -48.71
N GLY E 43 -11.45 2.09 -48.38
CA GLY E 43 -12.72 1.61 -47.89
C GLY E 43 -12.78 1.56 -46.37
N THR E 44 -11.60 1.50 -45.74
CA THR E 44 -11.50 1.55 -44.28
C THR E 44 -10.91 2.88 -43.82
N PRO E 45 -11.76 3.77 -43.27
CA PRO E 45 -11.31 5.09 -42.82
C PRO E 45 -10.17 4.96 -41.80
N ASN E 46 -9.21 5.86 -41.87
CA ASN E 46 -8.11 5.82 -40.91
C ASN E 46 -8.57 5.84 -39.46
N LYS E 47 -9.61 6.60 -39.16
CA LYS E 47 -10.04 6.76 -37.78
C LYS E 47 -10.47 5.44 -37.16
N ASP E 48 -10.88 4.49 -38.00
CA ASP E 48 -11.29 3.17 -37.52
C ASP E 48 -10.22 2.09 -37.65
N ASN E 49 -9.04 2.49 -38.13
CA ASN E 49 -7.94 1.56 -38.27
C ASN E 49 -6.62 2.19 -37.83
N CYS E 50 -5.99 1.63 -36.80
CA CYS E 50 -4.80 2.23 -36.19
C CYS E 50 -3.57 2.15 -37.10
N SER E 51 -3.30 0.95 -37.59
CA SER E 51 -2.23 0.71 -38.56
C SER E 51 -2.37 1.56 -39.82
N GLY E 52 -3.60 1.70 -40.32
CA GLY E 52 -3.87 2.57 -41.45
C GLY E 52 -3.48 4.01 -41.17
N PHE E 53 -4.04 4.58 -40.10
CA PHE E 53 -3.70 5.93 -39.70
C PHE E 53 -2.18 6.16 -39.61
N VAL E 54 -1.51 5.25 -38.91
CA VAL E 54 -0.06 5.34 -38.78
C VAL E 54 0.68 5.23 -40.12
N GLN E 55 0.19 4.38 -41.03
CA GLN E 55 0.78 4.26 -42.36
C GLN E 55 0.68 5.59 -43.09
N SER E 56 -0.50 6.19 -43.07
CA SER E 56 -0.71 7.50 -43.68
C SER E 56 0.28 8.51 -43.13
N VAL E 57 0.32 8.65 -41.80
CA VAL E 57 1.23 9.62 -41.19
C VAL E 57 2.67 9.35 -41.62
N ALA E 58 3.02 8.07 -41.65
CA ALA E 58 4.38 7.67 -42.03
C ALA E 58 4.70 8.16 -43.43
N ALA E 59 3.74 7.98 -44.34
CA ALA E 59 3.91 8.41 -45.72
C ALA E 59 4.10 9.92 -45.81
N GLU E 60 3.14 10.68 -45.27
CA GLU E 60 3.21 12.13 -45.35
C GLU E 60 4.57 12.67 -44.89
N LEU E 61 5.12 12.05 -43.85
CA LEU E 61 6.38 12.50 -43.28
C LEU E 61 7.57 11.87 -43.99
N GLY E 62 7.29 11.05 -44.99
CA GLY E 62 8.34 10.41 -45.76
C GLY E 62 9.18 9.45 -44.95
N VAL E 63 8.54 8.77 -44.00
CA VAL E 63 9.23 7.77 -43.21
C VAL E 63 8.81 6.36 -43.63
N PRO E 64 9.78 5.49 -43.94
CA PRO E 64 9.50 4.11 -44.33
C PRO E 64 8.84 3.35 -43.20
N MET E 65 7.69 2.72 -43.45
CA MET E 65 6.97 2.02 -42.40
C MET E 65 6.75 0.55 -42.78
N PRO E 66 6.93 -0.37 -41.82
CA PRO E 66 6.67 -1.78 -42.12
C PRO E 66 5.21 -2.00 -42.50
N ARG E 67 4.98 -2.71 -43.60
CA ARG E 67 3.63 -3.01 -44.06
C ARG E 67 2.96 -4.10 -43.21
N GLY E 68 1.64 -4.20 -43.32
CA GLY E 68 0.86 -5.18 -42.58
C GLY E 68 -0.03 -4.60 -41.50
N ASN E 69 -0.72 -5.48 -40.77
CA ASN E 69 -1.62 -5.00 -39.72
C ASN E 69 -0.87 -4.58 -38.48
N ALA E 70 -1.63 -4.21 -37.45
CA ALA E 70 -1.06 -3.75 -36.19
C ALA E 70 0.07 -4.68 -35.73
N ASN E 71 -0.26 -5.93 -35.45
CA ASN E 71 0.75 -6.90 -35.01
C ASN E 71 1.96 -6.93 -35.94
N ALA E 72 1.72 -7.16 -37.22
CA ALA E 72 2.80 -7.15 -38.21
C ALA E 72 3.68 -5.91 -38.11
N MET E 73 3.06 -4.73 -38.07
CA MET E 73 3.81 -3.49 -37.94
C MET E 73 4.69 -3.54 -36.71
N VAL E 74 4.13 -3.94 -35.57
CA VAL E 74 4.91 -4.00 -34.35
C VAL E 74 6.14 -4.91 -34.51
N ASP E 75 5.94 -6.11 -35.05
CA ASP E 75 7.07 -6.98 -35.36
C ASP E 75 8.12 -6.30 -36.23
N GLY E 76 7.65 -5.57 -37.24
CA GLY E 76 8.53 -4.82 -38.12
C GLY E 76 9.39 -3.81 -37.39
N LEU E 77 8.73 -2.93 -36.62
CA LEU E 77 9.43 -1.92 -35.83
C LEU E 77 10.44 -2.58 -34.90
N GLU E 78 9.99 -3.66 -34.25
CA GLU E 78 10.84 -4.44 -33.36
C GLU E 78 12.09 -4.90 -34.09
N GLN E 79 11.97 -5.16 -35.38
CA GLN E 79 13.13 -5.53 -36.19
C GLN E 79 14.02 -4.30 -36.41
N SER E 80 13.52 -3.34 -37.18
CA SER E 80 14.33 -2.19 -37.61
C SER E 80 14.54 -1.01 -36.63
N TRP E 81 13.45 -0.55 -36.01
CA TRP E 81 13.45 0.74 -35.31
C TRP E 81 14.17 0.79 -33.97
N THR E 82 14.67 1.98 -33.62
CA THR E 82 15.32 2.15 -32.32
C THR E 82 14.26 1.97 -31.25
N LYS E 83 14.60 1.30 -30.15
CA LYS E 83 13.62 1.01 -29.12
C LYS E 83 13.88 1.81 -27.83
N LEU E 84 12.99 2.77 -27.53
CA LEU E 84 13.14 3.63 -26.36
C LEU E 84 12.74 2.95 -25.04
N ALA E 85 13.32 3.43 -23.94
CA ALA E 85 13.10 2.81 -22.63
C ALA E 85 11.80 3.18 -21.88
N SER E 86 11.32 4.41 -22.04
CA SER E 86 10.14 4.83 -21.30
C SER E 86 9.26 5.82 -22.08
N GLY E 87 8.05 6.03 -21.61
CA GLY E 87 7.15 6.99 -22.19
C GLY E 87 7.75 8.38 -22.25
N ALA E 88 8.50 8.74 -21.21
CA ALA E 88 9.05 10.08 -21.10
C ALA E 88 10.10 10.32 -22.17
N GLU E 89 10.91 9.31 -22.43
CA GLU E 89 11.91 9.39 -23.49
C GLU E 89 11.24 9.50 -24.86
N ALA E 90 10.23 8.65 -25.10
CA ALA E 90 9.42 8.74 -26.31
C ALA E 90 8.90 10.16 -26.54
N ALA E 91 8.36 10.77 -25.48
CA ALA E 91 7.88 12.14 -25.57
C ALA E 91 9.02 13.11 -25.90
N GLN E 92 10.20 12.88 -25.33
CA GLN E 92 11.33 13.77 -25.61
C GLN E 92 11.70 13.74 -27.09
N LYS E 93 11.88 12.53 -27.62
CA LYS E 93 12.19 12.35 -29.04
C LYS E 93 11.11 12.93 -29.95
N ALA E 94 9.85 12.64 -29.65
CA ALA E 94 8.75 13.17 -30.45
C ALA E 94 8.72 14.70 -30.38
N ALA E 95 9.19 15.25 -29.27
CA ALA E 95 9.27 16.69 -29.11
C ALA E 95 10.43 17.22 -29.93
N GLN E 96 11.38 16.35 -30.24
CA GLN E 96 12.54 16.72 -31.04
C GLN E 96 12.28 16.66 -32.56
N GLY E 97 11.04 16.37 -32.95
CA GLY E 97 10.69 16.27 -34.35
C GLY E 97 10.95 14.88 -34.91
N PHE E 98 10.93 13.89 -34.02
CA PHE E 98 11.13 12.51 -34.43
C PHE E 98 9.79 11.81 -34.45
N LEU E 99 9.65 10.84 -35.34
CA LEU E 99 8.45 10.03 -35.38
C LEU E 99 8.59 8.86 -34.43
N VAL E 100 7.69 8.78 -33.46
CA VAL E 100 7.72 7.72 -32.47
C VAL E 100 6.39 6.99 -32.44
N ILE E 101 6.46 5.68 -32.54
CA ILE E 101 5.29 4.83 -32.52
C ILE E 101 5.22 3.97 -31.26
N ALA E 102 4.12 4.11 -30.54
CA ALA E 102 3.83 3.27 -29.40
C ALA E 102 3.08 2.04 -29.91
N GLY E 103 3.52 0.85 -29.52
CA GLY E 103 2.78 -0.33 -29.94
C GLY E 103 2.78 -1.51 -29.00
N LEU E 104 1.71 -2.27 -29.10
CA LEU E 104 1.53 -3.49 -28.33
C LEU E 104 0.73 -4.47 -29.18
N LYS E 105 1.23 -5.69 -29.32
CA LYS E 105 0.55 -6.74 -30.06
C LYS E 105 -0.63 -7.31 -29.27
N GLY E 106 -1.51 -8.05 -29.95
CA GLY E 106 -2.63 -8.70 -29.28
C GLY E 106 -2.94 -10.05 -29.90
N ARG E 107 -3.72 -10.88 -29.18
CA ARG E 107 -4.00 -12.24 -29.64
C ARG E 107 -4.58 -12.20 -31.06
N THR E 108 -5.37 -11.18 -31.35
CA THR E 108 -5.91 -10.97 -32.68
C THR E 108 -5.62 -9.56 -33.22
N TYR E 109 -6.14 -8.55 -32.51
CA TYR E 109 -5.95 -7.15 -32.93
C TYR E 109 -4.96 -6.38 -32.06
N GLY E 110 -3.81 -6.06 -32.62
CA GLY E 110 -2.83 -5.25 -31.92
C GLY E 110 -3.18 -3.79 -32.04
N HIS E 111 -2.31 -2.92 -31.58
CA HIS E 111 -2.58 -1.48 -31.66
C HIS E 111 -1.30 -0.67 -31.76
N VAL E 112 -1.38 0.44 -32.48
CA VAL E 112 -0.24 1.33 -32.65
C VAL E 112 -0.72 2.77 -32.61
N ALA E 113 0.14 3.67 -32.15
CA ALA E 113 -0.22 5.07 -32.01
C ALA E 113 1.01 5.90 -32.25
N VAL E 114 0.79 7.16 -32.58
CA VAL E 114 1.89 8.11 -32.71
C VAL E 114 2.01 8.89 -31.42
N VAL E 115 3.22 8.89 -30.85
CA VAL E 115 3.47 9.62 -29.63
C VAL E 115 3.82 11.05 -30.00
N ILE E 116 3.21 12.02 -29.33
CA ILE E 116 3.54 13.41 -29.56
C ILE E 116 3.99 14.07 -28.26
N SER E 117 4.63 15.23 -28.37
CA SER E 117 5.07 15.95 -27.19
C SER E 117 3.86 16.46 -26.41
N GLY E 118 4.02 16.58 -25.09
CA GLY E 118 3.00 17.13 -24.23
C GLY E 118 3.08 16.58 -22.81
N PRO E 119 2.22 17.08 -21.92
CA PRO E 119 2.18 16.60 -20.54
C PRO E 119 1.89 15.11 -20.47
N LEU E 120 2.65 14.35 -19.69
CA LEU E 120 2.40 12.93 -19.56
C LEU E 120 1.27 12.65 -18.57
N TYR E 121 0.34 11.79 -18.97
CA TYR E 121 -0.80 11.47 -18.14
C TYR E 121 -0.39 10.56 -16.98
N ARG E 122 -0.75 10.94 -15.76
CA ARG E 122 -0.31 10.25 -14.55
C ARG E 122 1.22 10.25 -14.43
N GLN E 123 1.85 11.22 -15.08
CA GLN E 123 3.31 11.33 -15.06
C GLN E 123 4.03 10.23 -15.84
N LYS E 124 3.27 9.27 -16.35
CA LYS E 124 3.81 8.09 -17.03
C LYS E 124 3.62 8.11 -18.54
N TYR E 125 2.36 8.26 -18.97
CA TYR E 125 1.97 8.04 -20.36
C TYR E 125 1.86 9.29 -21.22
N PRO E 126 2.62 9.34 -22.34
CA PRO E 126 2.64 10.49 -23.26
C PRO E 126 1.37 10.62 -24.08
N MET E 127 1.20 11.80 -24.65
CA MET E 127 0.06 12.10 -25.51
C MET E 127 0.18 11.34 -26.83
N CYS E 128 -0.94 11.05 -27.48
CA CYS E 128 -0.87 10.31 -28.72
C CYS E 128 -1.97 10.64 -29.72
N TRP E 129 -1.72 10.26 -30.96
CA TRP E 129 -2.74 10.22 -31.99
C TRP E 129 -2.91 8.76 -32.37
N CYS E 130 -4.14 8.28 -32.41
CA CYS E 130 -4.37 6.94 -32.94
C CYS E 130 -5.80 6.74 -33.44
N GLY E 131 -5.95 5.86 -34.42
CA GLY E 131 -7.29 5.45 -34.84
C GLY E 131 -7.56 4.15 -34.13
N SER E 132 -8.83 3.78 -34.02
CA SER E 132 -9.14 2.52 -33.38
C SER E 132 -10.41 1.86 -33.90
N ILE E 133 -10.33 0.55 -34.09
CA ILE E 133 -11.48 -0.25 -34.49
C ILE E 133 -12.43 -0.45 -33.30
N ALA E 134 -11.98 -0.04 -32.12
CA ALA E 134 -12.74 -0.31 -30.90
C ALA E 134 -13.90 0.67 -30.73
N GLY E 135 -13.77 1.84 -31.33
CA GLY E 135 -14.82 2.84 -31.26
C GLY E 135 -14.24 4.23 -31.20
N ALA E 136 -15.08 5.24 -31.01
CA ALA E 136 -14.58 6.59 -30.84
C ALA E 136 -13.78 6.65 -29.55
N VAL E 137 -14.16 5.79 -28.59
CA VAL E 137 -13.52 5.75 -27.28
C VAL E 137 -12.03 5.41 -27.37
N GLY E 138 -11.65 4.64 -28.38
CA GLY E 138 -10.26 4.25 -28.56
C GLY E 138 -9.51 5.20 -29.46
N GLN E 139 -10.19 6.24 -29.92
CA GLN E 139 -9.57 7.16 -30.86
C GLN E 139 -9.00 8.38 -30.15
N SER E 140 -7.78 8.76 -30.52
CA SER E 140 -7.19 9.97 -30.00
C SER E 140 -6.69 10.92 -31.09
N GLN E 141 -7.27 12.12 -31.06
CA GLN E 141 -6.89 13.23 -31.92
C GLN E 141 -5.83 14.10 -31.27
N GLY E 142 -5.19 13.56 -30.23
CA GLY E 142 -4.05 14.19 -29.60
C GLY E 142 -4.41 14.74 -28.24
N LEU E 143 -5.66 14.52 -27.84
CA LEU E 143 -6.09 14.92 -26.52
C LEU E 143 -6.14 13.76 -25.52
N LYS E 144 -5.86 12.55 -25.99
CA LYS E 144 -5.72 11.40 -25.11
C LYS E 144 -4.29 10.87 -25.09
N SER E 145 -3.88 10.31 -23.96
CA SER E 145 -2.56 9.73 -23.88
C SER E 145 -2.65 8.23 -24.15
N VAL E 146 -1.51 7.59 -24.30
CA VAL E 146 -1.48 6.16 -24.52
C VAL E 146 -2.14 5.47 -23.34
N GLY E 147 -2.04 6.11 -22.18
CA GLY E 147 -2.63 5.57 -20.97
C GLY E 147 -4.13 5.72 -20.86
N GLN E 148 -4.72 6.57 -21.71
CA GLN E 148 -6.19 6.67 -21.80
C GLN E 148 -6.79 5.93 -23.01
N VAL E 149 -5.93 5.29 -23.79
CA VAL E 149 -6.31 4.51 -24.96
C VAL E 149 -6.17 3.01 -24.64
N TRP E 150 -4.97 2.59 -24.25
CA TRP E 150 -4.78 1.28 -23.62
C TRP E 150 -5.23 1.29 -22.14
N ASN E 151 -5.67 0.14 -21.63
CA ASN E 151 -6.11 0.05 -20.23
C ASN E 151 -4.98 -0.08 -19.17
N ARG E 152 -5.37 -0.14 -17.91
CA ARG E 152 -4.45 -0.23 -16.78
C ARG E 152 -3.38 -1.32 -16.93
N THR E 153 -3.80 -2.50 -17.36
CA THR E 153 -2.87 -3.62 -17.53
C THR E 153 -1.98 -3.46 -18.76
N ASP E 154 -2.55 -3.03 -19.88
CA ASP E 154 -1.78 -2.86 -21.12
C ASP E 154 -0.88 -1.61 -21.15
N ARG E 155 -1.29 -0.53 -20.50
CA ARG E 155 -0.54 0.71 -20.66
C ARG E 155 0.87 0.66 -20.06
N ASP E 156 1.11 -0.29 -19.16
CA ASP E 156 2.45 -0.45 -18.60
C ASP E 156 3.31 -1.42 -19.43
N ARG E 157 2.68 -2.10 -20.40
CA ARG E 157 3.37 -3.05 -21.29
C ARG E 157 3.78 -2.48 -22.64
N LEU E 158 3.54 -1.20 -22.86
CA LEU E 158 3.77 -0.60 -24.19
C LEU E 158 5.22 -0.68 -24.65
N ASN E 159 5.43 -0.68 -25.96
CA ASN E 159 6.78 -0.54 -26.50
C ASN E 159 6.89 0.73 -27.31
N TYR E 160 7.99 1.45 -27.14
CA TYR E 160 8.18 2.70 -27.84
C TYR E 160 9.28 2.58 -28.88
N TYR E 161 8.95 2.90 -30.13
CA TYR E 161 9.92 2.80 -31.20
C TYR E 161 10.10 4.16 -31.83
N VAL E 162 11.34 4.53 -32.10
CA VAL E 162 11.59 5.78 -32.81
C VAL E 162 12.40 5.50 -34.06
N TYR E 163 12.10 6.28 -35.10
CA TYR E 163 12.85 6.24 -36.34
C TYR E 163 14.16 6.98 -36.14
N SER E 164 15.17 6.63 -36.92
CA SER E 164 16.54 7.06 -36.66
C SER E 164 16.85 8.48 -37.16
N LEU E 165 15.87 9.13 -37.77
CA LEU E 165 16.10 10.45 -38.34
C LEU E 165 14.94 11.42 -38.13
N ALA E 166 15.26 12.63 -37.66
CA ALA E 166 14.25 13.63 -37.38
C ALA E 166 13.49 14.03 -38.64
N SER E 167 12.16 14.00 -38.54
CA SER E 167 11.30 14.33 -39.66
C SER E 167 11.08 15.84 -39.80
N CYS E 168 11.75 16.61 -38.94
CA CYS E 168 11.72 18.08 -39.01
C CYS E 168 13.13 18.66 -38.99
N SER F 23 21.88 16.68 -31.78
CA SER F 23 21.05 16.94 -30.61
C SER F 23 20.75 18.44 -30.45
N LEU F 24 19.47 18.79 -30.53
CA LEU F 24 19.05 20.20 -30.44
C LEU F 24 19.53 20.90 -29.17
N ASP F 25 19.83 20.13 -28.14
CA ASP F 25 20.24 20.69 -26.85
C ASP F 25 21.76 20.80 -26.74
N GLN F 26 22.46 20.46 -27.82
CA GLN F 26 23.92 20.40 -27.82
C GLN F 26 24.56 21.71 -27.38
N CYS F 27 23.97 22.83 -27.80
CA CYS F 27 24.47 24.16 -27.43
C CYS F 27 24.36 24.40 -25.92
N ILE F 28 23.31 23.85 -25.32
CA ILE F 28 23.06 23.98 -23.89
C ILE F 28 24.01 23.09 -23.10
N VAL F 29 24.11 21.84 -23.51
CA VAL F 29 25.07 20.92 -22.92
C VAL F 29 26.45 21.57 -22.92
N ASN F 30 26.87 22.02 -24.10
CA ASN F 30 28.18 22.66 -24.23
C ASN F 30 28.29 23.92 -23.39
N ALA F 31 27.19 24.64 -23.24
CA ALA F 31 27.17 25.79 -22.34
C ALA F 31 27.46 25.36 -20.90
N CYS F 32 26.94 24.21 -20.50
CA CYS F 32 27.21 23.65 -19.18
C CYS F 32 28.67 23.22 -19.02
N LYS F 33 29.13 22.37 -19.94
CA LYS F 33 30.51 21.89 -19.94
C LYS F 33 31.49 23.06 -19.94
N ASN F 34 31.09 24.15 -20.58
CA ASN F 34 31.91 25.36 -20.62
C ASN F 34 31.89 26.12 -19.31
N SER F 35 30.69 26.37 -18.80
CA SER F 35 30.50 27.21 -17.62
C SER F 35 30.94 26.53 -16.32
N TRP F 36 31.20 25.22 -16.39
CA TRP F 36 31.62 24.46 -15.21
C TRP F 36 32.91 24.99 -14.56
N ASP F 37 33.97 25.08 -15.35
CA ASP F 37 35.29 25.49 -14.85
C ASP F 37 35.37 26.99 -14.52
N LYS F 38 34.43 27.78 -15.03
CA LYS F 38 34.46 29.23 -14.83
C LYS F 38 34.04 29.62 -13.42
N SER F 39 34.10 30.92 -13.13
CA SER F 39 33.56 31.45 -11.89
C SER F 39 32.74 32.69 -12.22
N TYR F 40 31.43 32.64 -12.02
CA TYR F 40 30.60 33.78 -12.33
C TYR F 40 30.90 34.88 -11.33
N LEU F 41 31.05 34.48 -10.08
CA LEU F 41 31.52 35.39 -9.05
C LEU F 41 33.03 35.19 -8.98
N ALA F 42 33.74 36.28 -8.73
CA ALA F 42 35.20 36.20 -8.66
C ALA F 42 35.63 35.44 -7.41
N GLY F 43 36.41 34.39 -7.61
CA GLY F 43 36.96 33.62 -6.51
C GLY F 43 36.07 32.49 -6.05
N THR F 44 34.77 32.61 -6.30
CA THR F 44 33.83 31.53 -5.98
C THR F 44 33.61 30.68 -7.22
N PRO F 45 34.17 29.47 -7.21
CA PRO F 45 34.03 28.55 -8.35
C PRO F 45 32.57 28.21 -8.60
N ASN F 46 32.22 28.04 -9.87
CA ASN F 46 30.86 27.70 -10.21
C ASN F 46 30.45 26.35 -9.61
N LYS F 47 31.37 25.40 -9.58
CA LYS F 47 31.03 24.06 -9.08
C LYS F 47 30.67 24.07 -7.59
N ASP F 48 31.12 25.10 -6.88
CA ASP F 48 30.73 25.27 -5.48
C ASP F 48 29.58 26.27 -5.32
N ASN F 49 29.11 26.81 -6.44
CA ASN F 49 27.98 27.75 -6.41
C ASN F 49 26.94 27.49 -7.51
N CYS F 50 25.69 27.23 -7.11
CA CYS F 50 24.65 26.85 -8.05
C CYS F 50 24.11 28.05 -8.84
N SER F 51 23.82 29.13 -8.14
CA SER F 51 23.39 30.36 -8.76
C SER F 51 24.43 30.85 -9.77
N GLY F 52 25.71 30.67 -9.42
CA GLY F 52 26.80 31.10 -10.27
C GLY F 52 26.87 30.32 -11.56
N PHE F 53 26.84 28.99 -11.43
CA PHE F 53 26.83 28.12 -12.60
C PHE F 53 25.68 28.48 -13.52
N VAL F 54 24.50 28.72 -12.93
CA VAL F 54 23.36 29.12 -13.74
C VAL F 54 23.60 30.45 -14.48
N GLN F 55 24.04 31.47 -13.76
CA GLN F 55 24.31 32.77 -14.38
C GLN F 55 25.34 32.65 -15.51
N SER F 56 26.29 31.73 -15.35
CA SER F 56 27.31 31.47 -16.37
C SER F 56 26.75 30.80 -17.62
N VAL F 57 26.00 29.71 -17.44
CA VAL F 57 25.40 29.04 -18.60
C VAL F 57 24.45 29.98 -19.35
N ALA F 58 23.68 30.77 -18.59
CA ALA F 58 22.76 31.74 -19.18
C ALA F 58 23.53 32.84 -19.92
N ALA F 59 24.67 33.22 -19.37
CA ALA F 59 25.58 34.14 -20.04
C ALA F 59 25.95 33.57 -21.40
N GLU F 60 26.49 32.36 -21.40
CA GLU F 60 26.95 31.73 -22.63
C GLU F 60 25.83 31.43 -23.64
N LEU F 61 24.60 31.34 -23.17
CA LEU F 61 23.47 31.14 -24.10
C LEU F 61 22.82 32.47 -24.46
N GLY F 62 23.26 33.54 -23.81
CA GLY F 62 22.68 34.86 -24.02
C GLY F 62 21.26 34.94 -23.52
N VAL F 63 21.00 34.31 -22.38
CA VAL F 63 19.67 34.33 -21.79
C VAL F 63 19.61 35.22 -20.56
N PRO F 64 18.65 36.16 -20.56
CA PRO F 64 18.49 37.07 -19.42
C PRO F 64 18.14 36.30 -18.16
N MET F 65 18.90 36.49 -17.09
CA MET F 65 18.64 35.78 -15.85
C MET F 65 18.54 36.76 -14.69
N PRO F 66 17.56 36.54 -13.79
CA PRO F 66 17.39 37.42 -12.63
C PRO F 66 18.62 37.39 -11.72
N ARG F 67 18.99 38.56 -11.20
CA ARG F 67 20.16 38.70 -10.33
C ARG F 67 19.94 38.16 -8.92
N GLY F 68 21.04 37.93 -8.22
CA GLY F 68 20.99 37.51 -6.83
C GLY F 68 21.39 36.06 -6.59
N ASN F 69 21.26 35.64 -5.34
CA ASN F 69 21.57 34.28 -4.93
C ASN F 69 20.47 33.34 -5.42
N ALA F 70 20.58 32.07 -5.07
CA ALA F 70 19.63 31.08 -5.52
C ALA F 70 18.18 31.53 -5.32
N ASN F 71 17.84 31.94 -4.09
CA ASN F 71 16.46 32.33 -3.78
C ASN F 71 15.97 33.48 -4.65
N ALA F 72 16.80 34.49 -4.80
CA ALA F 72 16.47 35.66 -5.61
C ALA F 72 16.18 35.23 -7.04
N MET F 73 16.98 34.29 -7.53
CA MET F 73 16.82 33.77 -8.88
C MET F 73 15.51 33.01 -9.04
N VAL F 74 15.18 32.16 -8.07
CA VAL F 74 13.89 31.47 -8.09
C VAL F 74 12.72 32.44 -8.07
N ASP F 75 12.89 33.57 -7.39
CA ASP F 75 11.84 34.59 -7.38
C ASP F 75 11.74 35.28 -8.75
N GLY F 76 12.88 35.61 -9.32
CA GLY F 76 12.93 36.21 -10.65
C GLY F 76 12.27 35.32 -11.68
N LEU F 77 12.52 34.02 -11.56
CA LEU F 77 11.90 33.06 -12.48
C LEU F 77 10.41 32.91 -12.17
N GLU F 78 10.05 33.12 -10.90
CA GLU F 78 8.64 33.08 -10.53
C GLU F 78 7.88 34.25 -11.14
N GLN F 79 8.60 35.35 -11.39
CA GLN F 79 8.01 36.52 -12.05
C GLN F 79 7.98 36.31 -13.57
N SER F 80 9.17 36.39 -14.16
CA SER F 80 9.32 36.46 -15.60
C SER F 80 8.99 35.16 -16.35
N TRP F 81 9.61 34.06 -15.91
CA TRP F 81 9.65 32.82 -16.70
C TRP F 81 8.39 31.97 -16.68
N THR F 82 8.20 31.19 -17.73
CA THR F 82 6.99 30.40 -17.85
C THR F 82 7.16 29.03 -17.17
N LYS F 83 6.28 28.70 -16.22
CA LYS F 83 6.47 27.50 -15.39
C LYS F 83 5.79 26.21 -15.90
N LEU F 84 6.61 25.21 -16.22
CA LEU F 84 6.13 23.88 -16.62
C LEU F 84 5.63 23.10 -15.41
N ALA F 85 4.66 22.22 -15.63
CA ALA F 85 3.99 21.55 -14.51
C ALA F 85 4.64 20.24 -14.08
N SER F 86 5.62 19.75 -14.84
CA SER F 86 6.23 18.46 -14.56
C SER F 86 7.67 18.37 -15.06
N GLY F 87 8.47 17.50 -14.45
CA GLY F 87 9.84 17.31 -14.88
C GLY F 87 9.92 16.69 -16.26
N ALA F 88 8.90 15.90 -16.58
CA ALA F 88 8.78 15.27 -17.89
C ALA F 88 8.75 16.35 -18.99
N GLU F 89 7.88 17.32 -18.77
CA GLU F 89 7.78 18.46 -19.67
C GLU F 89 9.09 19.22 -19.76
N ALA F 90 9.70 19.49 -18.61
CA ALA F 90 10.99 20.19 -18.59
C ALA F 90 11.99 19.47 -19.49
N ALA F 91 12.03 18.15 -19.38
CA ALA F 91 12.99 17.37 -20.17
C ALA F 91 12.66 17.52 -21.65
N GLN F 92 11.35 17.59 -21.96
CA GLN F 92 10.95 17.82 -23.35
C GLN F 92 11.40 19.17 -23.91
N LYS F 93 11.13 20.25 -23.18
CA LYS F 93 11.52 21.59 -23.63
C LYS F 93 13.05 21.73 -23.73
N ALA F 94 13.78 21.03 -22.89
CA ALA F 94 15.23 21.07 -22.94
C ALA F 94 15.76 20.23 -24.11
N ALA F 95 15.04 19.17 -24.44
CA ALA F 95 15.36 18.38 -25.63
C ALA F 95 15.17 19.24 -26.86
N GLN F 96 14.24 20.19 -26.78
CA GLN F 96 13.90 21.07 -27.89
C GLN F 96 14.85 22.25 -27.96
N GLY F 97 15.86 22.26 -27.08
CA GLY F 97 16.88 23.29 -27.12
C GLY F 97 16.58 24.53 -26.29
N PHE F 98 15.49 24.49 -25.55
CA PHE F 98 15.14 25.57 -24.63
C PHE F 98 15.97 25.48 -23.36
N LEU F 99 16.24 26.63 -22.75
CA LEU F 99 16.89 26.63 -21.45
C LEU F 99 15.83 26.36 -20.39
N VAL F 100 16.02 25.27 -19.65
CA VAL F 100 15.09 24.91 -18.58
C VAL F 100 15.83 24.93 -17.25
N ILE F 101 15.30 25.69 -16.30
CA ILE F 101 15.89 25.79 -14.97
C ILE F 101 14.98 25.18 -13.89
N ALA F 102 15.54 24.26 -13.12
CA ALA F 102 14.84 23.68 -11.99
C ALA F 102 15.26 24.43 -10.73
N GLY F 103 14.30 24.79 -9.89
CA GLY F 103 14.64 25.50 -8.67
C GLY F 103 13.68 25.35 -7.50
N LEU F 104 14.25 25.45 -6.31
CA LEU F 104 13.48 25.41 -5.08
C LEU F 104 14.15 26.30 -4.04
N LYS F 105 13.37 27.14 -3.38
CA LYS F 105 13.87 28.01 -2.33
C LYS F 105 14.05 27.27 -1.01
N GLY F 106 14.87 27.83 -0.13
CA GLY F 106 15.05 27.27 1.20
C GLY F 106 15.25 28.38 2.21
N ARG F 107 15.12 28.04 3.49
CA ARG F 107 15.23 29.04 4.55
C ARG F 107 16.48 29.87 4.38
N THR F 108 17.62 29.20 4.30
CA THR F 108 18.89 29.90 4.11
C THR F 108 19.35 29.82 2.67
N TYR F 109 19.59 28.61 2.19
CA TYR F 109 20.12 28.43 0.83
C TYR F 109 19.14 27.72 -0.10
N GLY F 110 18.92 28.31 -1.26
CA GLY F 110 18.10 27.67 -2.28
C GLY F 110 19.02 27.00 -3.27
N HIS F 111 18.44 26.29 -4.24
CA HIS F 111 19.24 25.60 -5.24
C HIS F 111 18.62 25.75 -6.63
N VAL F 112 19.48 25.91 -7.63
CA VAL F 112 19.01 25.93 -9.02
C VAL F 112 19.92 25.09 -9.91
N ALA F 113 19.32 24.39 -10.87
CA ALA F 113 20.09 23.58 -11.82
C ALA F 113 19.55 23.71 -13.25
N VAL F 114 20.40 23.38 -14.22
CA VAL F 114 20.01 23.36 -15.61
C VAL F 114 19.51 21.97 -16.00
N VAL F 115 18.26 21.91 -16.43
CA VAL F 115 17.67 20.65 -16.90
C VAL F 115 18.17 20.31 -18.30
N ILE F 116 18.45 19.04 -18.53
CA ILE F 116 18.88 18.60 -19.85
C ILE F 116 18.14 17.34 -20.23
N SER F 117 18.14 17.04 -21.53
CA SER F 117 17.49 15.85 -22.03
C SER F 117 18.20 14.60 -21.54
N GLY F 118 17.42 13.54 -21.34
CA GLY F 118 17.95 12.24 -20.95
C GLY F 118 16.88 11.46 -20.21
N PRO F 119 17.15 10.19 -19.91
CA PRO F 119 16.16 9.39 -19.20
C PRO F 119 15.83 9.98 -17.83
N LEU F 120 14.58 9.86 -17.41
CA LEU F 120 14.17 10.33 -16.10
C LEU F 120 14.37 9.27 -15.02
N TYR F 121 15.27 9.59 -14.10
CA TYR F 121 15.51 8.78 -12.92
C TYR F 121 14.17 8.54 -12.21
N ARG F 122 13.86 7.28 -11.92
CA ARG F 122 12.59 6.90 -11.31
C ARG F 122 11.37 7.39 -12.13
N GLN F 123 11.56 7.51 -13.44
CA GLN F 123 10.51 7.89 -14.38
C GLN F 123 9.87 9.22 -14.00
N LYS F 124 10.58 10.00 -13.21
CA LYS F 124 10.06 11.24 -12.64
C LYS F 124 11.01 12.40 -12.91
N TYR F 125 12.26 12.22 -12.51
CA TYR F 125 13.24 13.28 -12.42
C TYR F 125 14.24 13.33 -13.57
N PRO F 126 14.33 14.47 -14.25
CA PRO F 126 15.21 14.69 -15.40
C PRO F 126 16.68 14.93 -15.04
N MET F 127 17.57 14.63 -15.98
CA MET F 127 19.00 14.81 -15.78
C MET F 127 19.33 16.29 -15.69
N CYS F 128 20.43 16.64 -15.02
CA CYS F 128 20.75 18.05 -14.80
C CYS F 128 22.25 18.33 -14.64
N TRP F 129 22.58 19.61 -14.73
CA TRP F 129 23.89 20.14 -14.35
C TRP F 129 23.70 21.16 -13.25
N CYS F 130 24.48 21.07 -12.17
CA CYS F 130 24.45 22.10 -11.14
C CYS F 130 25.72 22.14 -10.30
N GLY F 131 26.00 23.30 -9.73
CA GLY F 131 27.02 23.41 -8.72
C GLY F 131 26.34 23.33 -7.37
N SER F 132 27.06 22.88 -6.35
CA SER F 132 26.50 22.86 -5.01
C SER F 132 27.50 23.28 -3.94
N ILE F 133 27.10 24.27 -3.15
CA ILE F 133 27.88 24.67 -2.00
C ILE F 133 28.01 23.50 -1.02
N ALA F 134 27.07 22.57 -1.09
CA ALA F 134 26.96 21.49 -0.11
C ALA F 134 28.07 20.45 -0.22
N GLY F 135 28.68 20.36 -1.39
CA GLY F 135 29.82 19.48 -1.58
C GLY F 135 29.87 18.92 -2.99
N ALA F 136 30.85 18.06 -3.23
CA ALA F 136 30.93 17.40 -4.52
C ALA F 136 29.77 16.41 -4.66
N VAL F 137 29.24 15.96 -3.53
CA VAL F 137 28.13 14.99 -3.58
C VAL F 137 26.90 15.62 -4.21
N GLY F 138 26.79 16.94 -4.07
CA GLY F 138 25.64 17.67 -4.55
C GLY F 138 25.88 18.27 -5.91
N GLN F 139 27.04 18.00 -6.48
CA GLN F 139 27.37 18.48 -7.81
C GLN F 139 26.96 17.47 -8.87
N SER F 140 26.44 17.97 -9.99
CA SER F 140 26.08 17.09 -11.11
C SER F 140 26.56 17.67 -12.42
N GLN F 141 27.35 16.90 -13.17
CA GLN F 141 27.59 17.28 -14.54
C GLN F 141 26.95 16.20 -15.40
N GLY F 142 25.71 16.45 -15.80
CA GLY F 142 24.97 15.57 -16.70
C GLY F 142 24.73 14.15 -16.19
N LEU F 143 25.36 13.81 -15.07
CA LEU F 143 25.29 12.42 -14.60
C LEU F 143 24.24 12.13 -13.53
N LYS F 144 23.67 13.19 -12.97
CA LYS F 144 22.68 13.04 -11.92
C LYS F 144 21.39 13.72 -12.32
N SER F 145 20.28 13.06 -12.01
CA SER F 145 18.98 13.67 -12.15
C SER F 145 18.80 14.65 -11.01
N VAL F 146 17.89 15.59 -11.18
CA VAL F 146 17.52 16.47 -10.10
C VAL F 146 17.04 15.64 -8.91
N GLY F 147 16.67 14.39 -9.17
CA GLY F 147 16.22 13.49 -8.11
C GLY F 147 17.35 12.89 -7.28
N GLN F 148 18.58 13.00 -7.80
CA GLN F 148 19.77 12.60 -7.08
C GLN F 148 20.56 13.77 -6.47
N VAL F 149 20.02 14.98 -6.64
CA VAL F 149 20.60 16.19 -6.11
C VAL F 149 19.72 16.71 -4.98
N TRP F 150 18.46 16.96 -5.29
CA TRP F 150 17.49 17.21 -4.23
C TRP F 150 17.09 15.87 -3.59
N ASN F 151 16.81 15.87 -2.29
CA ASN F 151 16.42 14.64 -1.60
C ASN F 151 14.97 14.21 -1.87
N ARG F 152 14.49 13.22 -1.12
CA ARG F 152 13.20 12.58 -1.39
C ARG F 152 12.02 13.51 -1.19
N THR F 153 12.07 14.31 -0.14
CA THR F 153 10.98 15.24 0.13
C THR F 153 11.04 16.42 -0.85
N ASP F 154 12.23 17.01 -1.02
CA ASP F 154 12.41 18.19 -1.87
C ASP F 154 12.19 17.97 -3.37
N ARG F 155 12.53 16.79 -3.88
CA ARG F 155 12.56 16.57 -5.33
C ARG F 155 11.19 16.56 -5.99
N ASP F 156 10.15 16.37 -5.19
CA ASP F 156 8.78 16.46 -5.69
C ASP F 156 8.21 17.89 -5.58
N ARG F 157 8.89 18.75 -4.84
CA ARG F 157 8.44 20.15 -4.67
C ARG F 157 9.13 21.10 -5.66
N LEU F 158 9.99 20.55 -6.52
CA LEU F 158 10.74 21.38 -7.47
C LEU F 158 9.86 22.21 -8.41
N ASN F 159 10.32 23.41 -8.76
CA ASN F 159 9.64 24.19 -9.80
C ASN F 159 10.47 24.21 -11.09
N TYR F 160 9.81 23.98 -12.22
CA TYR F 160 10.50 24.04 -13.51
C TYR F 160 10.12 25.30 -14.29
N TYR F 161 11.12 26.13 -14.57
CA TYR F 161 10.92 27.37 -15.31
C TYR F 161 11.58 27.28 -16.66
N VAL F 162 10.93 27.79 -17.70
CA VAL F 162 11.57 27.86 -19.00
C VAL F 162 11.47 29.25 -19.62
N TYR F 163 12.48 29.54 -20.43
CA TYR F 163 12.54 30.74 -21.25
C TYR F 163 11.64 30.54 -22.47
N SER F 164 11.09 31.63 -22.98
CA SER F 164 10.08 31.54 -24.03
C SER F 164 10.67 31.58 -25.43
N LEU F 165 12.00 31.62 -25.51
CA LEU F 165 12.71 31.48 -26.79
C LEU F 165 13.75 30.38 -26.69
N ALA F 166 13.88 29.58 -27.75
CA ALA F 166 14.87 28.51 -27.76
C ALA F 166 16.25 29.07 -28.01
N SER F 167 17.26 28.32 -27.60
CA SER F 167 18.65 28.72 -27.78
C SER F 167 19.30 28.07 -28.99
N CYS F 168 18.54 27.26 -29.73
CA CYS F 168 19.07 26.60 -30.93
C CYS F 168 18.06 26.63 -32.07
N ASP G 41 -36.09 -11.08 -17.21
CA ASP G 41 -35.15 -10.98 -16.09
C ASP G 41 -33.71 -10.90 -16.59
N CYS G 42 -33.43 -11.61 -17.68
CA CYS G 42 -32.12 -11.60 -18.33
C CYS G 42 -31.99 -10.51 -19.40
N THR G 43 -33.03 -9.70 -19.57
CA THR G 43 -32.99 -8.57 -20.49
C THR G 43 -32.06 -7.47 -19.99
N PHE G 44 -31.24 -6.92 -20.86
CA PHE G 44 -30.34 -5.82 -20.49
C PHE G 44 -30.81 -4.50 -21.05
N THR G 45 -30.81 -3.47 -20.20
CA THR G 45 -31.19 -2.13 -20.62
C THR G 45 -30.04 -1.15 -20.40
N GLN G 46 -29.78 -0.31 -21.40
CA GLN G 46 -28.70 0.66 -21.30
C GLN G 46 -28.91 1.67 -20.15
N LEU G 47 -27.83 2.02 -19.47
CA LEU G 47 -27.88 2.93 -18.33
C LEU G 47 -27.10 4.17 -18.67
N GLU G 48 -27.79 5.30 -18.67
CA GLU G 48 -27.13 6.55 -19.03
C GLU G 48 -26.28 7.02 -17.84
N ILE G 49 -25.03 7.38 -18.13
CA ILE G 49 -24.08 7.73 -17.10
C ILE G 49 -23.91 9.25 -17.11
N VAL G 50 -24.40 9.90 -16.06
CA VAL G 50 -24.46 11.37 -16.03
C VAL G 50 -23.73 11.97 -14.81
N PRO G 51 -23.31 13.24 -14.93
CA PRO G 51 -22.65 13.95 -13.83
C PRO G 51 -23.49 13.87 -12.57
N GLN G 52 -22.82 13.77 -11.42
CA GLN G 52 -23.54 13.73 -10.16
C GLN G 52 -23.26 15.02 -9.39
N PHE G 53 -24.33 15.73 -9.05
CA PHE G 53 -24.22 17.00 -8.35
C PHE G 53 -23.91 16.80 -6.88
N GLY G 54 -22.84 17.44 -6.43
CA GLY G 54 -22.45 17.36 -5.04
C GLY G 54 -21.35 16.35 -4.82
N SER G 55 -20.96 15.67 -5.90
CA SER G 55 -19.86 14.70 -5.87
C SER G 55 -18.92 15.00 -7.02
N PRO G 56 -17.99 15.92 -6.82
CA PRO G 56 -17.14 16.42 -7.90
C PRO G 56 -16.51 15.29 -8.71
N ASN G 57 -16.57 15.42 -10.04
CA ASN G 57 -15.94 14.46 -10.95
C ASN G 57 -16.60 13.08 -11.01
N MET G 58 -17.67 12.88 -10.25
CA MET G 58 -18.38 11.61 -10.26
C MET G 58 -19.44 11.53 -11.36
N PHE G 59 -19.49 10.37 -12.02
CA PHE G 59 -20.43 10.13 -13.10
C PHE G 59 -21.14 8.83 -12.81
N GLY G 60 -22.42 8.73 -13.09
CA GLY G 60 -23.13 7.51 -12.77
C GLY G 60 -24.59 7.51 -13.14
N GLY G 61 -25.28 6.46 -12.73
CA GLY G 61 -26.70 6.37 -12.96
C GLY G 61 -27.25 5.26 -12.12
N GLU G 62 -28.56 5.14 -12.04
CA GLU G 62 -29.16 4.03 -11.31
C GLU G 62 -30.56 3.75 -11.80
N ASP G 63 -31.04 2.56 -11.45
CA ASP G 63 -32.45 2.24 -11.59
C ASP G 63 -32.87 1.75 -10.24
N GLU G 64 -34.07 1.22 -10.12
CA GLU G 64 -34.57 0.80 -8.83
C GLU G 64 -33.68 -0.26 -8.14
N HIS G 65 -33.00 -1.09 -8.91
CA HIS G 65 -32.12 -2.15 -8.38
C HIS G 65 -30.66 -1.82 -8.03
N VAL G 66 -30.01 -1.04 -8.89
CA VAL G 66 -28.55 -0.98 -8.88
C VAL G 66 -28.06 0.41 -9.25
N ARG G 67 -26.99 0.87 -8.61
CA ARG G 67 -26.40 2.14 -9.00
C ARG G 67 -24.95 1.93 -9.40
N VAL G 68 -24.51 2.63 -10.45
CA VAL G 68 -23.17 2.50 -10.96
C VAL G 68 -22.50 3.88 -10.99
N MET G 69 -21.25 3.96 -10.55
CA MET G 69 -20.48 5.21 -10.64
C MET G 69 -19.00 5.08 -10.99
N PHE G 70 -18.49 6.08 -11.68
CA PHE G 70 -17.09 6.20 -12.07
C PHE G 70 -16.58 7.53 -11.57
N SER G 71 -15.27 7.61 -11.40
CA SER G 71 -14.65 8.88 -11.11
C SER G 71 -13.87 9.32 -12.34
N ASN G 72 -14.03 10.58 -12.74
CA ASN G 72 -13.33 11.08 -13.91
C ASN G 72 -12.00 11.69 -13.51
N GLU G 73 -10.92 11.04 -13.89
CA GLU G 73 -9.58 11.54 -13.57
C GLU G 73 -8.89 12.27 -14.72
N ASP G 74 -9.61 12.44 -15.83
CA ASP G 74 -9.05 13.14 -16.99
C ASP G 74 -8.87 14.62 -16.65
N PRO G 75 -7.63 15.12 -16.81
CA PRO G 75 -7.28 16.51 -16.49
C PRO G 75 -8.03 17.52 -17.35
N ASN G 76 -8.05 17.26 -18.65
CA ASN G 76 -8.64 18.17 -19.64
C ASN G 76 -10.16 18.15 -19.73
N ASP G 77 -10.73 16.94 -19.76
CA ASP G 77 -12.11 16.72 -20.15
C ASP G 77 -13.07 16.61 -18.97
N ASP G 78 -14.02 17.54 -18.89
CA ASP G 78 -15.06 17.46 -17.87
C ASP G 78 -16.25 16.67 -18.39
N ASN G 79 -16.18 16.25 -19.65
CA ASN G 79 -17.26 15.49 -20.28
C ASN G 79 -16.72 14.26 -21.01
N PRO G 80 -16.18 13.29 -20.26
CA PRO G 80 -15.44 12.17 -20.85
C PRO G 80 -16.33 11.06 -21.43
N ASP G 81 -15.84 10.38 -22.46
CA ASP G 81 -16.58 9.29 -23.06
C ASP G 81 -16.16 7.93 -22.50
N ALA G 82 -15.09 7.91 -21.72
CA ALA G 82 -14.60 6.67 -21.09
C ALA G 82 -13.92 6.89 -19.74
N PHE G 83 -13.78 5.80 -18.98
CA PHE G 83 -13.15 5.84 -17.64
C PHE G 83 -12.03 4.81 -17.48
N PRO G 84 -10.77 5.21 -17.70
CA PRO G 84 -9.62 4.30 -17.64
C PRO G 84 -9.30 3.80 -16.22
N GLU G 85 -9.68 4.56 -15.21
CA GLU G 85 -9.23 4.27 -13.84
C GLU G 85 -10.34 3.68 -12.99
N PRO G 86 -10.08 2.54 -12.35
CA PRO G 86 -11.00 2.02 -11.33
C PRO G 86 -10.89 2.88 -10.07
N PRO G 87 -11.72 2.61 -9.07
CA PRO G 87 -12.70 1.53 -9.15
C PRO G 87 -14.02 1.98 -9.78
N VAL G 88 -14.90 1.01 -9.95
CA VAL G 88 -16.25 1.29 -10.39
C VAL G 88 -17.15 0.95 -9.22
N TYR G 89 -17.96 1.91 -8.77
CA TYR G 89 -18.80 1.69 -7.59
C TYR G 89 -20.12 1.08 -7.96
N LEU G 90 -20.43 -0.07 -7.35
CA LEU G 90 -21.73 -0.67 -7.53
C LEU G 90 -22.50 -0.68 -6.22
N ALA G 91 -23.75 -0.24 -6.27
CA ALA G 91 -24.59 -0.24 -5.08
C ALA G 91 -25.82 -1.06 -5.36
N ASP G 92 -26.07 -2.03 -4.49
CA ASP G 92 -27.26 -2.86 -4.58
C ASP G 92 -28.35 -2.22 -3.71
N ARG G 93 -29.38 -1.68 -4.36
CA ARG G 93 -30.45 -0.95 -3.65
C ARG G 93 -31.33 -1.92 -2.89
N ASP G 94 -31.35 -3.17 -3.32
CA ASP G 94 -32.13 -4.20 -2.63
C ASP G 94 -31.54 -4.48 -1.26
N SER G 95 -30.23 -4.74 -1.24
CA SER G 95 -29.51 -5.16 -0.04
C SER G 95 -29.11 -4.02 0.87
N GLY G 96 -28.93 -2.83 0.29
CA GLY G 96 -28.41 -1.70 1.02
C GLY G 96 -26.90 -1.70 1.12
N ASN G 97 -26.28 -2.74 0.59
CA ASN G 97 -24.83 -2.83 0.62
C ASN G 97 -24.22 -2.41 -0.70
N ASP G 98 -22.89 -2.36 -0.73
CA ASP G 98 -22.22 -1.97 -1.95
C ASP G 98 -20.80 -2.50 -2.04
N CYS G 99 -20.24 -2.46 -3.24
CA CYS G 99 -18.89 -2.96 -3.46
C CYS G 99 -18.19 -2.18 -4.57
N ARG G 100 -16.95 -2.54 -4.82
CA ARG G 100 -16.15 -1.87 -5.83
C ARG G 100 -15.53 -2.86 -6.79
N ILE G 101 -15.57 -2.56 -8.08
CA ILE G 101 -14.80 -3.33 -9.05
C ILE G 101 -13.45 -2.67 -9.10
N GLU G 102 -12.41 -3.39 -8.67
CA GLU G 102 -11.08 -2.78 -8.46
C GLU G 102 -10.11 -2.84 -9.63
N ASP G 103 -10.43 -3.67 -10.63
CA ASP G 103 -9.55 -3.82 -11.79
C ASP G 103 -10.42 -3.95 -13.04
N GLY G 104 -9.93 -3.48 -14.17
CA GLY G 104 -10.65 -3.66 -15.42
C GLY G 104 -10.48 -2.46 -16.34
N GLY G 105 -11.44 -2.28 -17.25
CA GLY G 105 -11.46 -1.10 -18.10
C GLY G 105 -10.77 -1.36 -19.42
N ILE G 106 -10.58 -0.31 -20.22
CA ILE G 106 -11.19 1.00 -20.00
C ILE G 106 -12.71 0.92 -20.20
N TRP G 107 -13.48 1.53 -19.29
CA TRP G 107 -14.93 1.47 -19.36
C TRP G 107 -15.52 2.55 -20.29
N SER G 108 -16.33 2.12 -21.24
CA SER G 108 -17.06 3.04 -22.10
C SER G 108 -18.19 3.67 -21.32
N ARG G 109 -18.22 4.99 -21.27
CA ARG G 109 -19.31 5.69 -20.59
C ARG G 109 -20.66 5.33 -21.20
N GLY G 110 -20.72 5.22 -22.52
CA GLY G 110 -21.94 4.80 -23.18
C GLY G 110 -22.19 3.30 -23.20
N GLY G 111 -21.37 2.55 -22.47
CA GLY G 111 -21.36 1.09 -22.54
C GLY G 111 -21.92 0.26 -21.38
N VAL G 112 -22.78 0.85 -20.56
CA VAL G 112 -23.22 0.19 -19.34
C VAL G 112 -24.66 -0.30 -19.41
N PHE G 113 -24.92 -1.52 -18.96
CA PHE G 113 -26.26 -2.08 -19.06
C PHE G 113 -26.64 -2.81 -17.78
N LEU G 114 -27.92 -2.79 -17.44
CA LEU G 114 -28.40 -3.52 -16.26
C LEU G 114 -29.37 -4.60 -16.67
N SER G 115 -29.16 -5.80 -16.15
CA SER G 115 -30.13 -6.86 -16.35
C SER G 115 -31.42 -6.43 -15.70
N GLN G 116 -32.53 -6.90 -16.26
CA GLN G 116 -33.86 -6.59 -15.76
C GLN G 116 -34.05 -6.87 -14.28
N ASP G 117 -33.50 -7.97 -13.79
CA ASP G 117 -33.73 -8.41 -12.42
C ASP G 117 -32.81 -7.75 -11.41
N GLY G 118 -31.85 -6.97 -11.89
CA GLY G 118 -30.92 -6.27 -11.02
C GLY G 118 -29.63 -7.01 -10.69
N ARG G 119 -29.53 -8.28 -11.05
CA ARG G 119 -28.39 -9.08 -10.61
C ARG G 119 -27.12 -8.93 -11.44
N ARG G 120 -27.23 -8.39 -12.65
CA ARG G 120 -26.04 -8.28 -13.51
C ARG G 120 -25.80 -6.89 -14.12
N VAL G 121 -24.55 -6.45 -14.05
CA VAL G 121 -24.15 -5.24 -14.74
C VAL G 121 -23.27 -5.67 -15.90
N LEU G 122 -23.64 -5.28 -17.11
CA LEU G 122 -22.88 -5.64 -18.30
C LEU G 122 -22.15 -4.38 -18.76
N MET G 123 -20.88 -4.50 -19.11
CA MET G 123 -20.09 -3.32 -19.43
C MET G 123 -19.17 -3.50 -20.63
N HIS G 124 -19.12 -2.50 -21.49
CA HIS G 124 -18.18 -2.50 -22.59
C HIS G 124 -16.84 -2.00 -22.11
N GLU G 125 -15.78 -2.72 -22.43
CA GLU G 125 -14.45 -2.33 -21.97
C GLU G 125 -13.49 -2.57 -23.12
N PHE G 126 -12.42 -1.79 -23.20
CA PHE G 126 -11.56 -1.85 -24.36
C PHE G 126 -10.14 -1.45 -23.97
N SER G 127 -9.19 -1.88 -24.78
CA SER G 127 -7.83 -1.42 -24.64
C SER G 127 -7.19 -1.34 -26.03
N GLY G 128 -6.75 -0.17 -26.47
CA GLY G 128 -6.13 -0.08 -27.78
C GLY G 128 -7.12 -0.37 -28.91
N SER G 129 -6.87 -1.41 -29.70
CA SER G 129 -7.84 -1.86 -30.69
C SER G 129 -8.76 -2.97 -30.23
N SER G 130 -8.43 -3.59 -29.11
CA SER G 130 -9.23 -4.71 -28.60
C SER G 130 -10.43 -4.23 -27.80
N ALA G 131 -11.46 -5.06 -27.70
CA ALA G 131 -12.59 -4.71 -26.87
C ALA G 131 -13.27 -5.99 -26.37
N GLU G 132 -14.12 -5.85 -25.38
CA GLU G 132 -14.75 -6.99 -24.74
C GLU G 132 -16.00 -6.55 -24.06
N LEU G 133 -16.90 -7.50 -23.83
CA LEU G 133 -18.09 -7.25 -23.04
C LEU G 133 -17.97 -8.08 -21.79
N VAL G 134 -18.11 -7.43 -20.64
CA VAL G 134 -17.87 -8.08 -19.36
C VAL G 134 -19.07 -7.98 -18.45
N SER G 135 -19.53 -9.09 -17.92
CA SER G 135 -20.67 -9.11 -17.02
C SER G 135 -20.20 -9.37 -15.58
N TYR G 136 -20.71 -8.54 -14.67
CA TYR G 136 -20.39 -8.55 -13.25
C TYR G 136 -21.64 -8.81 -12.41
N ASP G 137 -21.44 -9.53 -11.30
CA ASP G 137 -22.47 -9.70 -10.27
C ASP G 137 -22.65 -8.38 -9.53
N SER G 138 -23.89 -7.90 -9.44
CA SER G 138 -24.18 -6.59 -8.84
C SER G 138 -23.92 -6.53 -7.32
N ALA G 139 -24.12 -7.65 -6.64
CA ALA G 139 -23.88 -7.69 -5.19
C ALA G 139 -22.39 -7.86 -4.84
N THR G 140 -21.70 -8.77 -5.52
CA THR G 140 -20.30 -9.06 -5.22
C THR G 140 -19.24 -8.31 -6.03
N CYS G 141 -19.64 -7.69 -7.14
CA CYS G 141 -18.69 -7.09 -8.08
C CYS G 141 -17.69 -8.09 -8.68
N LYS G 142 -18.03 -9.37 -8.67
CA LYS G 142 -17.14 -10.36 -9.29
C LYS G 142 -17.41 -10.47 -10.79
N VAL G 143 -16.39 -10.75 -11.57
CA VAL G 143 -16.62 -11.00 -12.99
C VAL G 143 -17.39 -12.30 -13.15
N VAL G 144 -18.58 -12.21 -13.76
CA VAL G 144 -19.36 -13.37 -14.15
C VAL G 144 -19.06 -13.95 -15.53
N HIS G 145 -18.89 -13.08 -16.53
CA HIS G 145 -18.59 -13.59 -17.88
C HIS G 145 -17.85 -12.59 -18.74
N ARG G 146 -16.98 -13.06 -19.62
CA ARG G 146 -16.19 -12.16 -20.44
C ARG G 146 -16.17 -12.65 -21.88
N GLU G 147 -16.50 -11.77 -22.81
CA GLU G 147 -16.52 -12.15 -24.23
C GLU G 147 -15.67 -11.19 -25.02
N ASP G 148 -14.63 -11.70 -25.67
CA ASP G 148 -13.82 -10.84 -26.51
C ASP G 148 -14.59 -10.51 -27.79
N ILE G 149 -14.85 -9.23 -27.99
CA ILE G 149 -15.51 -8.73 -29.21
C ILE G 149 -14.65 -8.01 -30.25
N SER G 150 -13.32 -8.02 -30.07
CA SER G 150 -12.43 -7.17 -30.87
C SER G 150 -12.67 -7.27 -32.38
N GLY G 151 -12.52 -6.14 -33.06
CA GLY G 151 -12.65 -6.07 -34.51
C GLY G 151 -14.08 -5.98 -34.99
N GLN G 152 -15.03 -5.94 -34.06
CA GLN G 152 -16.45 -6.02 -34.39
C GLN G 152 -17.24 -4.80 -33.91
N ARG G 153 -18.26 -4.42 -34.68
CA ARG G 153 -19.22 -3.46 -34.18
C ARG G 153 -20.23 -4.19 -33.29
N TRP G 154 -20.88 -3.49 -32.37
CA TRP G 154 -21.75 -4.16 -31.41
C TRP G 154 -22.94 -3.33 -30.99
N ALA G 155 -24.00 -4.01 -30.61
CA ALA G 155 -25.15 -3.33 -30.05
C ALA G 155 -25.88 -4.25 -29.10
N VAL G 156 -26.38 -3.67 -28.02
CA VAL G 156 -27.16 -4.42 -27.05
C VAL G 156 -28.50 -3.72 -26.94
N ASP G 157 -29.58 -4.48 -27.02
CA ASP G 157 -30.92 -3.92 -26.86
C ASP G 157 -31.86 -4.97 -26.29
N LYS G 158 -33.15 -4.64 -26.28
CA LYS G 158 -34.17 -5.52 -25.73
C LYS G 158 -34.01 -6.95 -26.26
N ASP G 159 -33.76 -7.05 -27.56
CA ASP G 159 -33.77 -8.33 -28.26
C ASP G 159 -32.49 -9.15 -28.06
N GLY G 160 -31.39 -8.47 -27.72
CA GLY G 160 -30.16 -9.18 -27.45
C GLY G 160 -28.88 -8.46 -27.84
N LEU G 161 -27.84 -9.25 -28.03
CA LEU G 161 -26.55 -8.73 -28.47
C LEU G 161 -26.36 -9.03 -29.95
N ARG G 162 -25.88 -8.03 -30.68
CA ARG G 162 -25.55 -8.20 -32.08
C ARG G 162 -24.15 -7.70 -32.37
N LEU G 163 -23.39 -8.51 -33.10
CA LEU G 163 -22.02 -8.15 -33.47
C LEU G 163 -21.97 -8.15 -34.97
N GLY G 164 -21.19 -7.25 -35.56
CA GLY G 164 -21.11 -7.24 -37.00
C GLY G 164 -19.73 -6.91 -37.53
N GLN G 165 -19.53 -7.27 -38.79
CA GLN G 165 -18.27 -7.07 -39.49
C GLN G 165 -18.48 -6.50 -40.88
N LYS G 166 -17.38 -6.03 -41.47
CA LYS G 166 -17.42 -5.39 -42.77
C LYS G 166 -18.42 -4.25 -42.69
N CYS G 167 -18.05 -3.22 -41.93
CA CYS G 167 -18.99 -2.17 -41.61
C CYS G 167 -18.56 -0.86 -42.24
N SER G 168 -19.53 -0.03 -42.61
CA SER G 168 -19.23 1.29 -43.10
C SER G 168 -18.96 2.26 -41.94
N GLY G 169 -19.85 2.26 -40.95
CA GLY G 169 -19.78 3.16 -39.81
C GLY G 169 -19.43 2.50 -38.48
N GLU G 170 -19.69 3.19 -37.37
CA GLU G 170 -19.52 2.55 -36.06
C GLU G 170 -20.77 1.79 -35.63
N SER G 171 -21.91 2.09 -36.26
CA SER G 171 -23.13 1.39 -35.94
C SER G 171 -23.11 -0.02 -36.51
N VAL G 172 -23.66 -0.98 -35.78
CA VAL G 172 -23.65 -2.36 -36.24
C VAL G 172 -24.53 -2.52 -37.48
N ASP G 173 -25.51 -1.64 -37.64
CA ASP G 173 -26.44 -1.72 -38.76
C ASP G 173 -25.79 -1.33 -40.07
N SER G 174 -24.56 -0.82 -39.99
CA SER G 174 -23.80 -0.47 -41.18
C SER G 174 -22.94 -1.65 -41.66
N CYS G 175 -23.13 -2.80 -41.02
CA CYS G 175 -22.30 -3.97 -41.26
C CYS G 175 -22.87 -4.97 -42.26
N ALA G 176 -21.99 -5.45 -43.15
CA ALA G 176 -22.36 -6.43 -44.16
C ALA G 176 -22.73 -7.76 -43.52
N LYS G 177 -22.01 -8.14 -42.45
CA LYS G 177 -22.40 -9.32 -41.69
C LYS G 177 -22.83 -8.96 -40.27
N ILE G 178 -23.95 -9.53 -39.84
CA ILE G 178 -24.49 -9.30 -38.50
C ILE G 178 -24.90 -10.61 -37.87
N VAL G 179 -24.40 -10.87 -36.67
CA VAL G 179 -24.74 -12.06 -35.91
C VAL G 179 -25.40 -11.72 -34.59
N LYS G 180 -26.39 -12.52 -34.21
CA LYS G 180 -27.01 -12.40 -32.90
C LYS G 180 -26.34 -13.39 -31.98
N ARG G 181 -25.91 -12.94 -30.81
CA ARG G 181 -25.32 -13.85 -29.84
C ARG G 181 -26.16 -13.84 -28.59
N SER G 182 -26.22 -14.96 -27.89
CA SER G 182 -27.04 -15.04 -26.70
C SER G 182 -26.37 -14.33 -25.53
N LEU G 183 -27.17 -13.69 -24.69
CA LEU G 183 -26.63 -13.05 -23.50
C LEU G 183 -26.67 -13.96 -22.29
N ALA G 184 -27.21 -15.17 -22.46
CA ALA G 184 -27.35 -16.12 -21.35
C ALA G 184 -26.07 -16.43 -20.57
N PRO G 185 -24.91 -16.51 -21.26
CA PRO G 185 -23.66 -16.73 -20.52
C PRO G 185 -23.39 -15.57 -19.58
N PHE G 186 -23.93 -14.40 -19.88
CA PHE G 186 -23.78 -13.21 -19.04
C PHE G 186 -24.69 -13.15 -17.81
N CYS G 187 -25.98 -13.41 -17.99
CA CYS G 187 -26.90 -13.26 -16.87
C CYS G 187 -27.28 -14.56 -16.15
N GLN G 188 -26.80 -15.68 -16.68
CA GLN G 188 -27.16 -16.98 -16.13
C GLN G 188 -27.14 -17.00 -14.59
N CYS H 42 31.38 13.41 23.78
CA CYS H 42 31.18 12.15 23.08
C CYS H 42 31.97 12.09 21.77
N THR H 43 32.52 10.92 21.46
CA THR H 43 33.47 10.80 20.34
C THR H 43 32.97 10.04 19.10
N PHE H 44 32.97 10.73 17.97
CA PHE H 44 32.55 10.16 16.70
C PHE H 44 33.72 9.86 15.79
N THR H 45 33.68 8.68 15.16
CA THR H 45 34.73 8.21 14.29
C THR H 45 34.13 7.87 12.94
N GLN H 46 34.68 8.42 11.87
CA GLN H 46 34.16 8.10 10.55
C GLN H 46 34.11 6.61 10.30
N LEU H 47 33.07 6.19 9.59
CA LEU H 47 32.90 4.81 9.19
C LEU H 47 33.06 4.72 7.69
N GLU H 48 33.98 3.88 7.23
CA GLU H 48 34.13 3.64 5.80
C GLU H 48 32.94 2.84 5.30
N ILE H 49 32.51 3.12 4.08
CA ILE H 49 31.36 2.46 3.48
C ILE H 49 31.80 1.88 2.14
N VAL H 50 31.63 0.58 1.98
CA VAL H 50 32.18 -0.13 0.82
C VAL H 50 31.24 -1.23 0.30
N PRO H 51 31.45 -1.72 -0.92
CA PRO H 51 30.54 -2.77 -1.41
C PRO H 51 30.49 -3.95 -0.45
N GLN H 52 29.29 -4.47 -0.25
CA GLN H 52 29.08 -5.52 0.73
C GLN H 52 29.12 -6.89 0.08
N PHE H 53 29.87 -7.79 0.70
CA PHE H 53 30.10 -9.12 0.14
C PHE H 53 28.81 -9.93 0.12
N GLY H 54 28.51 -10.51 -1.04
CA GLY H 54 27.34 -11.36 -1.19
C GLY H 54 26.04 -10.58 -1.29
N SER H 55 26.13 -9.26 -1.25
CA SER H 55 24.93 -8.42 -1.25
C SER H 55 24.90 -7.48 -2.44
N PRO H 56 24.32 -7.94 -3.55
CA PRO H 56 24.32 -7.15 -4.80
C PRO H 56 23.80 -5.73 -4.56
N ASN H 57 24.55 -4.75 -5.02
CA ASN H 57 24.18 -3.33 -4.89
C ASN H 57 24.20 -2.73 -3.47
N MET H 58 24.38 -3.56 -2.44
CA MET H 58 24.51 -3.03 -1.08
C MET H 58 25.90 -2.44 -0.83
N PHE H 59 25.93 -1.41 0.01
CA PHE H 59 27.19 -0.83 0.48
C PHE H 59 27.10 -0.66 1.98
N GLY H 60 28.21 -0.88 2.67
CA GLY H 60 28.15 -0.83 4.12
C GLY H 60 29.46 -0.73 4.84
N GLY H 61 29.36 -0.50 6.14
CA GLY H 61 30.53 -0.47 7.00
C GLY H 61 30.11 -0.96 8.36
N GLU H 62 31.09 -1.27 9.21
CA GLU H 62 30.77 -1.64 10.57
C GLU H 62 31.91 -1.37 11.54
N ASP H 63 31.58 -1.41 12.82
CA ASP H 63 32.58 -1.37 13.87
C ASP H 63 32.14 -2.40 14.89
N GLU H 64 32.77 -2.38 16.05
CA GLU H 64 32.47 -3.33 17.11
C GLU H 64 30.96 -3.42 17.47
N HIS H 65 30.24 -2.33 17.27
CA HIS H 65 28.84 -2.17 17.72
C HIS H 65 27.79 -2.21 16.61
N VAL H 66 27.95 -1.32 15.64
CA VAL H 66 26.91 -1.08 14.65
C VAL H 66 27.34 -1.35 13.21
N ARG H 67 26.45 -1.93 12.43
CA ARG H 67 26.64 -1.95 10.99
C ARG H 67 25.67 -1.01 10.25
N VAL H 68 26.21 -0.21 9.33
CA VAL H 68 25.41 0.70 8.50
C VAL H 68 25.38 0.20 7.06
N MET H 69 24.19 0.12 6.46
CA MET H 69 24.05 -0.37 5.08
C MET H 69 23.07 0.43 4.21
N PHE H 70 23.48 0.78 2.97
CA PHE H 70 22.62 1.46 1.99
C PHE H 70 22.40 0.60 0.74
N SER H 71 21.28 0.83 0.05
CA SER H 71 21.08 0.25 -1.29
C SER H 71 21.43 1.26 -2.39
N ASN H 72 22.16 0.81 -3.41
CA ASN H 72 22.47 1.67 -4.54
C ASN H 72 21.47 1.46 -5.66
N GLU H 73 20.63 2.45 -5.90
CA GLU H 73 19.70 2.42 -7.01
C GLU H 73 20.13 3.26 -8.23
N ASP H 74 21.30 3.88 -8.15
CA ASP H 74 21.80 4.68 -9.27
C ASP H 74 22.08 3.78 -10.47
N PRO H 75 21.33 3.98 -11.56
CA PRO H 75 21.40 3.16 -12.78
C PRO H 75 22.73 3.29 -13.55
N ASN H 76 23.34 4.46 -13.49
CA ASN H 76 24.53 4.73 -14.27
C ASN H 76 25.87 4.58 -13.55
N ASP H 77 25.83 4.25 -12.25
CA ASP H 77 27.05 4.29 -11.45
C ASP H 77 27.23 3.10 -10.51
N ASP H 78 28.32 2.36 -10.71
CA ASP H 78 28.70 1.20 -9.88
C ASP H 78 29.13 1.58 -8.46
N ASN H 79 29.64 2.79 -8.32
CA ASN H 79 30.43 3.17 -7.15
C ASN H 79 30.14 4.61 -6.72
N PRO H 80 28.91 4.85 -6.23
CA PRO H 80 28.35 6.20 -6.00
C PRO H 80 28.93 6.90 -4.77
N ASP H 81 28.84 8.22 -4.73
CA ASP H 81 29.26 8.99 -3.58
C ASP H 81 28.08 9.30 -2.65
N ALA H 82 26.88 8.84 -3.00
CA ALA H 82 25.71 9.18 -2.21
C ALA H 82 24.55 8.22 -2.38
N PHE H 83 23.64 8.26 -1.42
CA PHE H 83 22.47 7.40 -1.41
C PHE H 83 21.18 8.19 -1.16
N PRO H 84 20.46 8.55 -2.25
CA PRO H 84 19.18 9.26 -2.19
C PRO H 84 18.02 8.38 -1.71
N GLU H 85 18.10 7.08 -1.96
CA GLU H 85 16.97 6.22 -1.64
C GLU H 85 17.12 5.52 -0.31
N PRO H 86 16.18 5.77 0.60
CA PRO H 86 16.08 4.98 1.82
C PRO H 86 15.60 3.59 1.43
N PRO H 87 15.55 2.65 2.37
CA PRO H 87 15.95 2.81 3.77
C PRO H 87 17.44 2.71 3.97
N VAL H 88 17.90 3.27 5.07
CA VAL H 88 19.24 2.94 5.57
C VAL H 88 19.05 1.83 6.61
N TYR H 89 19.89 0.80 6.60
CA TYR H 89 19.73 -0.26 7.59
C TYR H 89 20.77 -0.13 8.69
N LEU H 90 20.32 -0.23 9.94
CA LEU H 90 21.24 -0.21 11.07
C LEU H 90 21.12 -1.50 11.86
N ALA H 91 22.20 -2.27 11.89
CA ALA H 91 22.21 -3.51 12.67
C ALA H 91 22.99 -3.31 13.96
N ASP H 92 22.40 -3.76 15.07
CA ASP H 92 23.03 -3.67 16.38
C ASP H 92 23.76 -4.99 16.62
N ARG H 93 25.08 -4.95 16.57
CA ARG H 93 25.86 -6.19 16.55
C ARG H 93 25.82 -6.93 17.89
N ASP H 94 25.57 -6.18 18.95
CA ASP H 94 25.44 -6.78 20.27
C ASP H 94 24.07 -7.44 20.47
N SER H 95 23.00 -6.73 20.12
CA SER H 95 21.66 -7.23 20.36
C SER H 95 21.25 -8.33 19.40
N GLY H 96 21.80 -8.32 18.20
CA GLY H 96 21.34 -9.20 17.13
C GLY H 96 20.08 -8.67 16.48
N ASN H 97 19.79 -7.40 16.71
CA ASN H 97 18.60 -6.77 16.16
C ASN H 97 18.95 -5.68 15.17
N ASP H 98 18.02 -5.40 14.27
CA ASP H 98 18.20 -4.39 13.24
C ASP H 98 16.99 -3.46 13.14
N CYS H 99 17.15 -2.36 12.41
CA CYS H 99 16.02 -1.47 12.12
C CYS H 99 16.30 -0.66 10.86
N ARG H 100 15.27 -0.03 10.30
CA ARG H 100 15.41 0.82 9.12
C ARG H 100 15.15 2.31 9.40
N ILE H 101 15.97 3.17 8.80
CA ILE H 101 15.67 4.59 8.70
C ILE H 101 14.93 4.77 7.38
N GLU H 102 13.67 5.19 7.45
CA GLU H 102 12.77 5.14 6.29
C GLU H 102 12.71 6.40 5.45
N ASP H 103 13.31 7.48 5.96
CA ASP H 103 13.23 8.77 5.28
C ASP H 103 14.42 9.64 5.69
N GLY H 104 14.62 10.75 4.98
CA GLY H 104 15.84 11.53 5.08
C GLY H 104 16.59 11.39 3.79
N GLY H 105 17.87 11.76 3.82
CA GLY H 105 18.70 11.78 2.62
C GLY H 105 18.90 13.22 2.23
N ILE H 106 19.71 13.46 1.20
CA ILE H 106 20.49 12.43 0.56
C ILE H 106 21.70 12.08 1.44
N TRP H 107 21.94 10.80 1.69
CA TRP H 107 23.08 10.40 2.53
C TRP H 107 24.42 10.43 1.79
N SER H 108 25.37 11.22 2.29
CA SER H 108 26.73 11.17 1.76
C SER H 108 27.40 9.86 2.14
N ARG H 109 28.01 9.18 1.17
CA ARG H 109 28.70 7.92 1.43
C ARG H 109 29.88 8.08 2.42
N GLY H 110 30.61 9.18 2.30
CA GLY H 110 31.74 9.42 3.17
C GLY H 110 31.37 10.30 4.34
N GLY H 111 30.07 10.38 4.63
CA GLY H 111 29.56 11.20 5.72
C GLY H 111 29.00 10.46 6.93
N VAL H 112 29.34 9.19 7.09
CA VAL H 112 28.82 8.39 8.20
C VAL H 112 29.85 8.28 9.33
N PHE H 113 29.39 8.46 10.58
CA PHE H 113 30.26 8.41 11.75
C PHE H 113 29.58 7.62 12.86
N LEU H 114 30.37 6.96 13.69
CA LEU H 114 29.83 6.24 14.84
C LEU H 114 30.38 6.78 16.15
N SER H 115 29.55 6.81 17.19
CA SER H 115 29.99 7.24 18.50
C SER H 115 30.65 6.06 19.19
N GLN H 116 31.68 6.32 20.00
CA GLN H 116 32.46 5.25 20.63
C GLN H 116 31.60 4.16 21.28
N ASP H 117 30.53 4.55 21.97
CA ASP H 117 29.68 3.59 22.67
C ASP H 117 28.74 2.84 21.72
N GLY H 118 28.68 3.30 20.47
CA GLY H 118 27.84 2.69 19.47
C GLY H 118 26.35 2.97 19.65
N ARG H 119 26.03 3.98 20.45
CA ARG H 119 24.65 4.37 20.66
C ARG H 119 24.13 5.28 19.51
N ARG H 120 25.03 6.08 18.93
CA ARG H 120 24.65 7.10 17.97
C ARG H 120 25.30 6.88 16.61
N VAL H 121 24.52 6.99 15.53
CA VAL H 121 25.07 7.10 14.18
C VAL H 121 24.89 8.53 13.72
N LEU H 122 25.98 9.21 13.39
CA LEU H 122 25.86 10.57 12.91
C LEU H 122 26.04 10.60 11.39
N MET H 123 25.09 11.21 10.68
CA MET H 123 25.14 11.17 9.21
C MET H 123 24.98 12.53 8.57
N HIS H 124 25.71 12.75 7.50
CA HIS H 124 25.60 13.97 6.72
C HIS H 124 24.54 13.75 5.65
N GLU H 125 23.57 14.67 5.59
CA GLU H 125 22.49 14.57 4.61
C GLU H 125 22.35 15.90 3.87
N PHE H 126 22.03 15.84 2.59
CA PHE H 126 22.05 17.06 1.80
C PHE H 126 20.91 17.05 0.81
N SER H 127 20.40 18.25 0.53
CA SER H 127 19.44 18.44 -0.55
C SER H 127 19.71 19.74 -1.31
N GLY H 128 20.02 19.66 -2.60
CA GLY H 128 20.23 20.88 -3.34
C GLY H 128 21.47 21.60 -2.83
N SER H 129 21.30 22.81 -2.31
CA SER H 129 22.37 23.48 -1.57
C SER H 129 22.22 23.35 -0.04
N SER H 130 21.13 22.77 0.42
CA SER H 130 20.92 22.52 1.84
C SER H 130 21.82 21.39 2.32
N ALA H 131 22.24 21.44 3.59
CA ALA H 131 22.93 20.31 4.20
C ALA H 131 22.74 20.29 5.72
N GLU H 132 22.66 19.09 6.29
CA GLU H 132 22.45 18.94 7.71
C GLU H 132 23.25 17.77 8.26
N LEU H 133 23.42 17.75 9.59
CA LEU H 133 23.97 16.61 10.31
C LEU H 133 22.85 16.04 11.17
N VAL H 134 22.61 14.74 11.03
CA VAL H 134 21.51 14.09 11.71
C VAL H 134 22.01 12.89 12.49
N SER H 135 21.74 12.89 13.79
CA SER H 135 22.17 11.83 14.65
C SER H 135 21.02 10.86 14.81
N TYR H 136 21.31 9.57 14.89
CA TYR H 136 20.28 8.57 15.04
C TYR H 136 20.60 7.67 16.22
N ASP H 137 19.55 7.17 16.85
CA ASP H 137 19.71 6.15 17.87
C ASP H 137 19.90 4.85 17.12
N SER H 138 21.02 4.18 17.37
CA SER H 138 21.41 2.99 16.63
C SER H 138 20.52 1.77 16.93
N ALA H 139 19.83 1.78 18.06
CA ALA H 139 18.91 0.69 18.38
C ALA H 139 17.50 0.86 17.78
N THR H 140 16.98 2.08 17.84
CA THR H 140 15.63 2.35 17.34
C THR H 140 15.55 2.94 15.94
N CYS H 141 16.68 3.41 15.42
CA CYS H 141 16.67 4.15 14.16
C CYS H 141 16.00 5.53 14.21
N LYS H 142 15.47 5.91 15.38
CA LYS H 142 14.85 7.22 15.53
C LYS H 142 15.82 8.39 15.38
N VAL H 143 15.38 9.44 14.69
CA VAL H 143 16.15 10.68 14.67
C VAL H 143 16.25 11.21 16.10
N VAL H 144 17.42 11.72 16.43
CA VAL H 144 17.74 12.13 17.78
C VAL H 144 17.96 13.62 17.82
N HIS H 145 18.86 14.11 16.99
CA HIS H 145 19.13 15.53 16.87
C HIS H 145 19.46 15.83 15.43
N ARG H 146 19.19 17.07 15.03
CA ARG H 146 19.34 17.51 13.65
C ARG H 146 19.88 18.93 13.66
N GLU H 147 20.89 19.20 12.85
CA GLU H 147 21.51 20.52 12.83
C GLU H 147 21.78 20.99 11.40
N ASP H 148 21.33 22.19 11.05
CA ASP H 148 21.54 22.69 9.70
C ASP H 148 22.95 23.25 9.55
N ILE H 149 23.71 22.65 8.64
CA ILE H 149 25.05 23.15 8.32
C ILE H 149 25.18 23.93 7.01
N SER H 150 24.06 24.25 6.36
CA SER H 150 24.06 24.82 5.00
C SER H 150 25.02 26.01 4.86
N GLY H 151 25.73 26.04 3.74
CA GLY H 151 26.63 27.14 3.42
C GLY H 151 28.05 26.95 3.94
N GLN H 152 28.19 26.13 4.97
CA GLN H 152 29.47 25.99 5.67
C GLN H 152 30.23 24.75 5.23
N ARG H 153 31.55 24.82 5.23
CA ARG H 153 32.37 23.61 5.17
C ARG H 153 32.33 22.96 6.54
N TRP H 154 32.65 21.68 6.61
CA TRP H 154 32.50 20.95 7.87
C TRP H 154 33.51 19.83 8.01
N ALA H 155 33.86 19.50 9.24
CA ALA H 155 34.65 18.31 9.51
C ALA H 155 34.35 17.73 10.89
N VAL H 156 34.38 16.41 10.99
CA VAL H 156 34.15 15.71 12.25
C VAL H 156 35.31 14.76 12.56
N ASP H 157 36.06 15.07 13.61
CA ASP H 157 37.18 14.22 14.05
C ASP H 157 37.05 13.88 15.54
N LYS H 158 38.08 13.24 16.08
CA LYS H 158 38.09 12.89 17.50
C LYS H 158 37.92 14.13 18.39
N ASP H 159 38.41 15.27 17.92
CA ASP H 159 38.30 16.52 18.66
C ASP H 159 36.86 17.00 18.74
N GLY H 160 36.18 16.98 17.61
CA GLY H 160 34.78 17.38 17.56
C GLY H 160 34.44 18.03 16.24
N LEU H 161 33.29 18.69 16.21
CA LEU H 161 32.77 19.25 14.95
C LEU H 161 33.31 20.64 14.67
N ARG H 162 33.73 20.87 13.44
CA ARG H 162 34.24 22.18 13.05
C ARG H 162 33.61 22.67 11.75
N LEU H 163 33.35 23.98 11.68
CA LEU H 163 32.61 24.57 10.57
C LEU H 163 33.33 25.76 9.96
N GLY H 164 33.73 25.64 8.69
CA GLY H 164 34.45 26.68 7.98
C GLY H 164 33.58 27.56 7.10
N GLN H 165 34.09 28.74 6.74
CA GLN H 165 33.29 29.75 6.02
C GLN H 165 33.80 30.09 4.63
N LYS H 166 34.88 30.87 4.57
CA LYS H 166 35.46 31.26 3.28
C LYS H 166 36.53 30.26 2.92
N CYS H 167 36.28 29.46 1.88
CA CYS H 167 37.06 28.25 1.68
C CYS H 167 37.47 27.97 0.24
N SER H 168 38.75 27.64 0.06
CA SER H 168 39.33 27.37 -1.24
C SER H 168 39.21 25.89 -1.59
N GLY H 169 38.53 25.14 -0.75
CA GLY H 169 38.31 23.73 -1.01
C GLY H 169 37.14 23.18 -0.22
N GLU H 170 36.89 21.88 -0.34
CA GLU H 170 35.84 21.24 0.43
C GLU H 170 36.28 21.09 1.89
N SER H 171 37.59 21.01 2.10
CA SER H 171 38.17 20.90 3.44
C SER H 171 37.86 22.12 4.29
N VAL H 172 37.43 21.88 5.52
CA VAL H 172 37.14 22.98 6.45
C VAL H 172 38.43 23.73 6.77
N ASP H 173 39.56 23.17 6.34
CA ASP H 173 40.86 23.80 6.52
C ASP H 173 41.09 24.91 5.49
N SER H 174 40.66 24.65 4.27
CA SER H 174 40.82 25.62 3.18
C SER H 174 40.05 26.89 3.53
N CYS H 175 39.27 26.81 4.60
CA CYS H 175 38.48 27.94 5.06
C CYS H 175 39.32 28.94 5.82
N ALA H 176 38.97 30.21 5.66
CA ALA H 176 39.57 31.27 6.46
C ALA H 176 38.95 31.23 7.85
N LYS H 177 37.68 31.60 7.94
CA LYS H 177 36.96 31.59 9.20
C LYS H 177 36.54 30.17 9.58
N ILE H 178 36.79 29.80 10.84
CA ILE H 178 36.41 28.48 11.34
C ILE H 178 35.74 28.59 12.72
N VAL H 179 34.89 27.64 13.03
CA VAL H 179 34.24 27.58 14.33
C VAL H 179 34.30 26.16 14.85
N LYS H 180 34.09 25.99 16.15
CA LYS H 180 34.06 24.66 16.77
C LYS H 180 32.74 24.50 17.50
N ARG H 181 31.91 23.57 17.04
CA ARG H 181 30.56 23.41 17.60
C ARG H 181 30.42 22.14 18.44
N SER H 182 29.56 22.21 19.46
CA SER H 182 29.38 21.10 20.38
C SER H 182 28.57 19.97 19.78
N LEU H 183 29.08 18.75 19.95
CA LEU H 183 28.40 17.57 19.46
C LEU H 183 27.46 17.01 20.53
N ALA H 184 27.53 17.59 21.73
CA ALA H 184 26.78 17.08 22.86
C ALA H 184 25.28 16.88 22.59
N PRO H 185 24.66 17.77 21.80
CA PRO H 185 23.24 17.61 21.44
C PRO H 185 22.98 16.34 20.64
N PHE H 186 23.97 15.91 19.85
CA PHE H 186 23.85 14.67 19.06
C PHE H 186 24.04 13.40 19.90
N CYS H 187 24.89 13.45 20.92
CA CYS H 187 25.25 12.19 21.56
C CYS H 187 24.74 11.96 22.99
N GLN H 188 25.38 12.59 23.97
CA GLN H 188 25.13 12.26 25.37
C GLN H 188 25.49 13.44 26.28
#